data_5OWZ
#
_entry.id   5OWZ
#
_cell.length_a   128.560
_cell.length_b   128.560
_cell.length_c   116.240
_cell.angle_alpha   90.00
_cell.angle_beta   90.00
_cell.angle_gamma   90.00
#
_symmetry.space_group_name_H-M   'P 43 21 2'
#
loop_
_entity.id
_entity.type
_entity.pdbx_description
1 polymer 'Glycogen phosphorylase, muscle form'
2 non-polymer 'INOSINIC ACID'
3 non-polymer "PYRIDOXAL-5'-PHOSPHATE"
4 non-polymer (2~{R},3~{S},4~{R},5~{R},6~{S})-2-(hydroxymethyl)-6-[5-[4-(trifluoromethyl)phenyl]-4~{H}-1,2,4-triazol-3-yl]oxane-3,4,5-triol
5 water water
#
_entity_poly.entity_id   1
_entity_poly.type   'polypeptide(L)'
_entity_poly.pdbx_seq_one_letter_code
;MSRPLSDQEKRKQISVRGLAGVENVTELKKNFNRHLHFTLVKDRNVATPRDYYFALAHTVRDHLVGRWIRTQQHYYEKDP
KRIYYLSLEFYMGRTLQNTMVNLALENACDEATYQLGLDMEELEEIEEDAGLGNGGLGRLAACFLDSMATLGLAAYGYGI
RYEFGIFNQKICGGWQMEEADDWLRYGNPWEKARPEFTLPVHFYGRVEHTSQGAKWVDTQVVLAMPYDTPVPGYRNNVVN
TMRLWSAKAPNDFNLKDFNVGGYIQAVLDRNLAENISRVLYPNDNFFEGKELRLKQEYFVVAATLQDIIRRFKSSKFGCR
DPVRTNFDAFPDKVAIQLNDTHPSLAIPELMRVLVDLERLDWDKAWEVTVKTCAYTNHTVLPEALERWPVHLLETLLPRH
LQIIYEINQRFLNRVAAAFPGDVDRLRRMSLVEEGAVKRINMAHLCIAGSHAVNGVARIHSEILKKTIFKDFYELEPHKF
QNKTNGITPRRWLVLCNPGLAEIIAERIGEEYISDLDQLRKLLSYVDDEAFIRDVAKVKQENKLKFAAYLEREYKVHINP
NSLFDVQVKRIHEYKRQLLNCLHVITLYNRIKKEPNKFVVPRTVMIGGKAAPGYHMAKMIIKLITAIGDVVNHDPVVGDR
LRVIFLENYRVSLAEKVIPAADLSEQISTAGTEASGTGNMKFMLNGALTIGTMDGANVEMAEEAGEENFFIFGMRVEDVD
RLDQRGYNAQEYYDRIPELRQIIEQLSSGFFSPKQPDLFKDIVNMLMHHDRFKVFADYEEYVKCQERVSALYKNPREWTR
MVIRNIATSGKFSSDRTIAQYAREIWGVEPSRQRLPAPDEKIP
;
_entity_poly.pdbx_strand_id   A
#
loop_
_chem_comp.id
_chem_comp.type
_chem_comp.name
_chem_comp.formula
B0Z non-polymer (2~{R},3~{S},4~{R},5~{R},6~{S})-2-(hydroxymethyl)-6-[5-[4-(trifluoromethyl)phenyl]-4~{H}-1,2,4-triazol-3-yl]oxane-3,4,5-triol 'C15 H16 F3 N3 O5'
IMP non-polymer 'INOSINIC ACID' 'C10 H13 N4 O8 P'
PLP non-polymer PYRIDOXAL-5'-PHOSPHATE 'C8 H10 N O6 P'
#
# COMPACT_ATOMS: atom_id res chain seq x y z
N GLN A 13 -9.04 -15.05 -27.25
CA GLN A 13 -9.74 -16.01 -26.33
C GLN A 13 -10.97 -15.33 -25.60
N ILE A 14 -10.72 -14.42 -24.64
CA ILE A 14 -11.79 -13.70 -23.87
C ILE A 14 -11.89 -12.21 -24.24
N SER A 15 -13.12 -11.71 -24.32
CA SER A 15 -13.46 -10.38 -24.91
C SER A 15 -12.75 -9.19 -24.27
N VAL A 16 -12.80 -9.10 -22.93
CA VAL A 16 -12.17 -7.96 -22.22
C VAL A 16 -10.65 -7.83 -22.45
N ARG A 17 -10.02 -8.88 -23.01
CA ARG A 17 -8.57 -8.80 -23.34
C ARG A 17 -8.26 -8.14 -24.70
N GLY A 18 -9.29 -7.71 -25.45
CA GLY A 18 -9.09 -6.88 -26.67
C GLY A 18 -9.02 -7.69 -27.96
N LEU A 19 -8.73 -7.03 -29.08
CA LEU A 19 -8.71 -7.70 -30.41
C LEU A 19 -7.33 -8.28 -30.73
N ALA A 20 -7.29 -9.39 -31.46
CA ALA A 20 -6.03 -9.93 -31.99
C ALA A 20 -6.09 -9.90 -33.53
N GLY A 21 -6.02 -8.69 -34.09
CA GLY A 21 -5.98 -8.47 -35.53
C GLY A 21 -4.72 -8.97 -36.23
N VAL A 22 -4.90 -9.47 -37.43
CA VAL A 22 -3.79 -10.02 -38.22
C VAL A 22 -2.58 -9.06 -38.36
N GLU A 23 -2.85 -7.78 -38.62
CA GLU A 23 -1.75 -6.80 -38.85
C GLU A 23 -0.99 -6.56 -37.53
N ASN A 24 -1.74 -6.37 -36.47
CA ASN A 24 -1.20 -6.13 -35.16
C ASN A 24 -0.31 -7.30 -34.71
N VAL A 25 -0.83 -8.53 -34.82
CA VAL A 25 -0.10 -9.76 -34.45
C VAL A 25 1.15 -9.92 -35.26
N THR A 26 1.04 -9.72 -36.55
CA THR A 26 2.23 -9.73 -37.45
C THR A 26 3.35 -8.72 -37.02
N GLU A 27 2.95 -7.49 -36.70
CA GLU A 27 3.87 -6.47 -36.26
C GLU A 27 4.53 -6.77 -34.90
N LEU A 28 3.76 -7.22 -33.93
CA LEU A 28 4.29 -7.66 -32.63
C LEU A 28 5.30 -8.78 -32.84
N LYS A 29 5.00 -9.75 -33.70
CA LYS A 29 5.99 -10.84 -33.95
C LYS A 29 7.33 -10.33 -34.52
N LYS A 30 7.24 -9.41 -35.46
CA LYS A 30 8.41 -8.79 -36.05
C LYS A 30 9.25 -8.04 -35.01
N ASN A 31 8.59 -7.23 -34.22
CA ASN A 31 9.27 -6.43 -33.21
C ASN A 31 9.84 -7.27 -32.09
N PHE A 32 9.16 -8.34 -31.73
CA PHE A 32 9.73 -9.28 -30.77
C PHE A 32 11.08 -9.86 -31.29
N ASN A 33 11.06 -10.35 -32.50
CA ASN A 33 12.28 -10.93 -33.09
C ASN A 33 13.39 -9.87 -33.27
N ARG A 34 13.00 -8.63 -33.57
CA ARG A 34 13.94 -7.54 -33.69
C ARG A 34 14.58 -7.26 -32.29
N HIS A 35 13.79 -7.18 -31.24
CA HIS A 35 14.40 -6.95 -29.91
C HIS A 35 15.28 -8.15 -29.47
N LEU A 36 14.85 -9.38 -29.78
CA LEU A 36 15.64 -10.51 -29.36
C LEU A 36 17.06 -10.40 -29.95
N HIS A 37 17.16 -10.07 -31.25
CA HIS A 37 18.39 -9.97 -31.96
C HIS A 37 19.16 -8.72 -31.58
N PHE A 38 18.60 -7.55 -31.84
CA PHE A 38 19.30 -6.28 -31.63
C PHE A 38 19.44 -5.77 -30.21
N THR A 39 18.43 -5.92 -29.40
CA THR A 39 18.42 -5.43 -28.04
C THR A 39 19.06 -6.41 -27.11
N LEU A 40 18.67 -7.67 -27.20
CA LEU A 40 19.17 -8.68 -26.31
C LEU A 40 20.43 -9.35 -26.81
N VAL A 41 20.75 -9.31 -28.11
CA VAL A 41 21.93 -9.93 -28.69
C VAL A 41 21.95 -11.41 -28.39
N LYS A 42 20.86 -12.10 -28.73
CA LYS A 42 20.70 -13.54 -28.56
C LYS A 42 20.14 -14.11 -29.86
N ASP A 43 20.47 -15.35 -30.25
CA ASP A 43 19.61 -16.02 -31.29
C ASP A 43 18.74 -17.00 -30.56
N ARG A 44 17.66 -17.41 -31.22
CA ARG A 44 16.70 -18.38 -30.69
C ARG A 44 17.34 -19.69 -30.21
N ASN A 45 18.52 -20.07 -30.70
CA ASN A 45 19.15 -21.35 -30.27
C ASN A 45 19.68 -21.33 -28.84
N VAL A 46 20.00 -20.16 -28.28
CA VAL A 46 20.39 -20.12 -26.88
C VAL A 46 19.56 -19.19 -26.00
N ALA A 47 18.46 -18.66 -26.52
CA ALA A 47 17.60 -17.77 -25.74
C ALA A 47 16.93 -18.58 -24.64
N THR A 48 16.84 -18.01 -23.46
CA THR A 48 16.11 -18.64 -22.33
C THR A 48 14.77 -17.98 -22.14
N PRO A 49 13.91 -18.60 -21.32
CA PRO A 49 12.66 -17.90 -21.00
C PRO A 49 12.84 -16.46 -20.54
N ARG A 50 13.91 -16.13 -19.80
CA ARG A 50 14.09 -14.77 -19.38
C ARG A 50 14.37 -13.84 -20.53
N ASP A 51 15.13 -14.32 -21.51
CA ASP A 51 15.37 -13.52 -22.72
C ASP A 51 14.04 -13.26 -23.45
N TYR A 52 13.16 -14.25 -23.50
CA TYR A 52 11.87 -14.08 -24.11
C TYR A 52 10.99 -13.07 -23.41
N TYR A 53 10.95 -13.10 -22.08
CA TYR A 53 10.32 -12.08 -21.34
C TYR A 53 10.85 -10.67 -21.71
N PHE A 54 12.15 -10.45 -21.68
CA PHE A 54 12.70 -9.11 -22.02
C PHE A 54 12.30 -8.67 -23.46
N ALA A 55 12.33 -9.59 -24.40
CA ALA A 55 11.99 -9.28 -25.79
C ALA A 55 10.53 -8.82 -25.82
N LEU A 56 9.67 -9.49 -25.07
CA LEU A 56 8.23 -9.07 -25.01
C LEU A 56 8.09 -7.74 -24.34
N ALA A 57 8.75 -7.56 -23.19
CA ALA A 57 8.70 -6.27 -22.49
C ALA A 57 9.15 -5.08 -23.34
N HIS A 58 10.25 -5.28 -24.06
CA HIS A 58 10.70 -4.19 -24.95
C HIS A 58 9.66 -3.94 -26.08
N THR A 59 9.04 -5.00 -26.55
CA THR A 59 8.05 -4.88 -27.63
C THR A 59 6.85 -4.07 -27.16
N VAL A 60 6.39 -4.38 -25.95
CA VAL A 60 5.25 -3.63 -25.36
C VAL A 60 5.58 -2.19 -25.00
N ARG A 61 6.78 -1.98 -24.43
CA ARG A 61 7.26 -0.68 -24.10
C ARG A 61 7.26 0.23 -25.30
N ASP A 62 7.66 -0.25 -26.45
CA ASP A 62 7.71 0.57 -27.65
C ASP A 62 6.31 1.22 -27.91
N HIS A 63 5.22 0.51 -27.61
CA HIS A 63 3.83 1.09 -27.78
C HIS A 63 3.48 2.22 -26.78
N LEU A 64 4.19 2.29 -25.69
CA LEU A 64 3.99 3.35 -24.71
C LEU A 64 4.62 4.64 -25.17
N VAL A 65 5.71 4.59 -25.95
CA VAL A 65 6.58 5.81 -25.98
C VAL A 65 5.98 6.94 -26.74
N GLY A 66 5.27 6.67 -27.83
CA GLY A 66 4.67 7.74 -28.58
C GLY A 66 3.61 8.46 -27.76
N ARG A 67 2.86 7.67 -27.04
CA ARG A 67 1.82 8.18 -26.13
C ARG A 67 2.39 9.00 -24.97
N TRP A 68 3.49 8.53 -24.43
CA TRP A 68 4.18 9.25 -23.35
C TRP A 68 4.70 10.61 -23.80
N ILE A 69 5.40 10.63 -24.91
CA ILE A 69 5.91 11.87 -25.48
C ILE A 69 4.76 12.86 -25.77
N ARG A 70 3.70 12.36 -26.36
CA ARG A 70 2.57 13.20 -26.78
C ARG A 70 1.82 13.71 -25.56
N THR A 71 1.61 12.85 -24.56
CA THR A 71 0.95 13.31 -23.33
C THR A 71 1.73 14.46 -22.71
N GLN A 72 3.04 14.27 -22.52
CA GLN A 72 3.87 15.30 -21.86
C GLN A 72 3.93 16.61 -22.69
N GLN A 73 3.93 16.49 -24.01
CA GLN A 73 3.87 17.62 -24.93
C GLN A 73 2.52 18.36 -24.75
N HIS A 74 1.42 17.61 -24.66
CA HIS A 74 0.08 18.15 -24.42
C HIS A 74 0.03 18.98 -23.12
N TYR A 75 0.67 18.53 -22.04
CA TYR A 75 0.62 19.25 -20.77
C TYR A 75 1.45 20.49 -20.86
N TYR A 76 2.54 20.42 -21.59
CA TYR A 76 3.36 21.63 -21.85
C TYR A 76 2.58 22.73 -22.60
N GLU A 77 1.78 22.34 -23.58
CA GLU A 77 1.00 23.25 -24.40
C GLU A 77 -0.25 23.77 -23.73
N LYS A 78 -1.04 22.88 -23.12
CA LYS A 78 -2.28 23.30 -22.44
C LYS A 78 -2.02 23.91 -21.05
N ASP A 79 -0.89 23.61 -20.43
CA ASP A 79 -0.54 24.16 -19.10
C ASP A 79 -1.64 24.00 -18.01
N PRO A 80 -2.16 22.77 -17.82
CA PRO A 80 -3.15 22.54 -16.79
C PRO A 80 -2.52 22.64 -15.43
N LYS A 81 -3.33 22.73 -14.38
CA LYS A 81 -2.80 22.58 -13.03
C LYS A 81 -2.15 21.21 -12.85
N ARG A 82 -0.94 21.17 -12.28
CA ARG A 82 -0.21 19.92 -12.14
C ARG A 82 -0.34 19.38 -10.71
N ILE A 83 -0.55 18.08 -10.57
CA ILE A 83 -0.72 17.42 -9.28
C ILE A 83 0.57 16.62 -9.01
N TYR A 84 1.20 16.86 -7.86
CA TYR A 84 2.43 16.16 -7.46
C TYR A 84 2.15 15.33 -6.24
N TYR A 85 2.21 14.02 -6.42
CA TYR A 85 1.94 13.09 -5.34
C TYR A 85 3.26 12.59 -4.76
N LEU A 86 3.60 13.04 -3.57
CA LEU A 86 4.89 12.83 -2.97
C LEU A 86 4.75 11.68 -1.95
N SER A 87 5.54 10.64 -2.15
CA SER A 87 5.51 9.45 -1.33
C SER A 87 6.87 8.84 -1.19
N LEU A 88 7.15 8.30 0.00
CA LEU A 88 8.36 7.51 0.16
C LEU A 88 8.22 6.06 -0.35
N GLU A 89 7.03 5.68 -0.75
CA GLU A 89 6.68 4.33 -1.14
C GLU A 89 5.76 4.31 -2.33
N PHE A 90 6.13 3.50 -3.31
CA PHE A 90 5.26 3.14 -4.47
C PHE A 90 5.36 1.67 -4.68
N TYR A 91 4.35 0.91 -4.29
CA TYR A 91 4.41 -0.55 -4.35
C TYR A 91 3.79 -1.01 -5.66
N MET A 92 4.59 -0.99 -6.75
CA MET A 92 4.07 -1.12 -8.11
C MET A 92 3.77 -2.54 -8.56
N GLY A 93 4.48 -3.54 -8.02
CA GLY A 93 4.35 -4.91 -8.52
C GLY A 93 4.92 -5.03 -9.94
N ARG A 94 4.45 -6.01 -10.69
CA ARG A 94 4.86 -6.19 -12.12
C ARG A 94 4.14 -5.24 -13.01
N THR A 95 4.78 -4.91 -14.12
CA THR A 95 4.31 -3.95 -15.11
C THR A 95 3.83 -4.49 -16.44
N LEU A 96 4.29 -5.67 -16.86
CA LEU A 96 4.07 -6.11 -18.22
C LEU A 96 2.58 -6.28 -18.51
N GLN A 97 1.91 -7.07 -17.67
CA GLN A 97 0.47 -7.35 -17.88
C GLN A 97 -0.37 -6.10 -17.72
N ASN A 98 -0.05 -5.28 -16.75
CA ASN A 98 -0.83 -4.05 -16.58
C ASN A 98 -0.75 -3.13 -17.77
N THR A 99 0.44 -3.07 -18.35
CA THR A 99 0.64 -2.28 -19.60
C THR A 99 -0.23 -2.80 -20.75
N MET A 100 -0.22 -4.11 -20.96
CA MET A 100 -0.96 -4.71 -22.01
C MET A 100 -2.46 -4.45 -21.79
N VAL A 101 -2.93 -4.61 -20.56
CA VAL A 101 -4.38 -4.35 -20.23
C VAL A 101 -4.75 -2.90 -20.62
N ASN A 102 -3.93 -1.95 -20.17
CA ASN A 102 -4.26 -0.54 -20.35
C ASN A 102 -4.12 -0.05 -21.77
N LEU A 103 -3.36 -0.77 -22.60
CA LEU A 103 -3.21 -0.43 -24.03
C LEU A 103 -4.05 -1.31 -24.96
N ALA A 104 -4.82 -2.22 -24.39
CA ALA A 104 -5.68 -3.16 -25.09
C ALA A 104 -4.90 -4.13 -25.99
N LEU A 105 -3.73 -4.57 -25.53
CA LEU A 105 -2.81 -5.43 -26.28
C LEU A 105 -2.73 -6.87 -25.80
N GLU A 106 -3.43 -7.22 -24.75
CA GLU A 106 -3.30 -8.54 -24.15
C GLU A 106 -3.58 -9.70 -25.14
N ASN A 107 -4.72 -9.67 -25.84
CA ASN A 107 -5.03 -10.81 -26.72
C ASN A 107 -4.04 -10.90 -27.89
N ALA A 108 -3.63 -9.75 -28.42
CA ALA A 108 -2.70 -9.70 -29.53
C ALA A 108 -1.31 -10.25 -29.11
N CYS A 109 -0.82 -9.84 -27.92
CA CYS A 109 0.46 -10.35 -27.43
C CYS A 109 0.37 -11.86 -27.16
N ASP A 110 -0.79 -12.31 -26.68
CA ASP A 110 -1.01 -13.72 -26.46
C ASP A 110 -0.91 -14.54 -27.73
N GLU A 111 -1.57 -14.05 -28.77
CA GLU A 111 -1.56 -14.70 -30.08
C GLU A 111 -0.18 -14.62 -30.70
N ALA A 112 0.48 -13.46 -30.66
CA ALA A 112 1.80 -13.33 -31.22
C ALA A 112 2.77 -14.33 -30.58
N THR A 113 2.78 -14.37 -29.27
CA THR A 113 3.70 -15.25 -28.58
C THR A 113 3.37 -16.74 -28.83
N TYR A 114 2.08 -17.06 -28.79
CA TYR A 114 1.57 -18.40 -29.16
C TYR A 114 2.11 -18.86 -30.53
N GLN A 115 2.08 -17.97 -31.51
CA GLN A 115 2.61 -18.29 -32.86
C GLN A 115 4.11 -18.45 -32.92
N LEU A 116 4.83 -17.81 -31.98
CA LEU A 116 6.25 -18.03 -31.82
C LEU A 116 6.64 -19.24 -30.98
N GLY A 117 5.68 -20.00 -30.49
CA GLY A 117 5.91 -21.23 -29.72
C GLY A 117 6.07 -20.97 -28.24
N LEU A 118 5.56 -19.85 -27.74
CA LEU A 118 5.78 -19.43 -26.34
C LEU A 118 4.46 -19.25 -25.62
N ASP A 119 4.50 -19.46 -24.31
CA ASP A 119 3.39 -19.31 -23.41
C ASP A 119 3.59 -17.99 -22.65
N MET A 120 2.72 -17.02 -22.94
CA MET A 120 2.85 -15.68 -22.36
C MET A 120 2.70 -15.64 -20.85
N GLU A 121 1.85 -16.50 -20.32
CA GLU A 121 1.69 -16.56 -18.86
C GLU A 121 2.97 -16.99 -18.17
N GLU A 122 3.73 -17.86 -18.80
CA GLU A 122 5.02 -18.30 -18.24
C GLU A 122 6.05 -17.15 -18.30
N LEU A 123 6.02 -16.39 -19.38
CA LEU A 123 6.91 -15.21 -19.48
C LEU A 123 6.58 -14.16 -18.42
N GLU A 124 5.30 -13.95 -18.16
CA GLU A 124 4.87 -12.95 -17.17
C GLU A 124 5.44 -13.25 -15.78
N GLU A 125 5.61 -14.53 -15.47
CA GLU A 125 6.05 -14.94 -14.13
C GLU A 125 7.49 -14.67 -13.92
N ILE A 126 8.27 -14.38 -14.98
CA ILE A 126 9.69 -14.04 -14.81
C ILE A 126 9.93 -12.65 -14.28
N GLU A 127 9.01 -11.73 -14.53
CA GLU A 127 9.23 -10.35 -14.11
C GLU A 127 9.30 -10.27 -12.57
N GLU A 128 10.22 -9.47 -12.08
CA GLU A 128 10.35 -9.17 -10.64
C GLU A 128 9.25 -8.15 -10.27
N ASP A 129 8.57 -8.28 -9.12
CA ASP A 129 7.84 -7.07 -8.55
C ASP A 129 8.75 -5.88 -8.35
N ALA A 130 8.26 -4.71 -8.63
CA ALA A 130 8.89 -3.55 -8.12
C ALA A 130 8.29 -3.36 -6.70
N GLY A 131 9.05 -3.74 -5.70
CA GLY A 131 8.59 -3.80 -4.32
C GLY A 131 9.04 -2.62 -3.52
N LEU A 132 8.74 -1.41 -4.02
CA LEU A 132 9.25 -0.20 -3.37
C LEU A 132 8.25 0.32 -2.34
N GLY A 133 7.66 -0.57 -1.57
CA GLY A 133 6.81 -0.17 -0.45
C GLY A 133 6.60 -1.35 0.50
N ASN A 134 5.97 -1.07 1.65
CA ASN A 134 5.80 -2.06 2.70
C ASN A 134 4.46 -2.80 2.64
N GLY A 135 3.42 -2.13 2.19
CA GLY A 135 2.05 -2.70 2.29
C GLY A 135 1.08 -1.70 1.75
N GLY A 136 0.06 -1.45 2.55
CA GLY A 136 -1.07 -0.67 2.14
C GLY A 136 -0.83 0.74 1.64
N LEU A 137 0.04 1.45 2.34
CA LEU A 137 0.32 2.86 2.02
C LEU A 137 1.01 2.93 0.66
N GLY A 138 2.03 2.09 0.45
CA GLY A 138 2.67 2.08 -0.85
C GLY A 138 1.82 1.62 -1.98
N ARG A 139 0.99 0.63 -1.69
CA ARG A 139 0.10 0.14 -2.75
C ARG A 139 -1.00 1.10 -3.06
N LEU A 140 -1.42 1.92 -2.11
CA LEU A 140 -2.44 2.95 -2.36
C LEU A 140 -1.87 4.00 -3.34
N ALA A 141 -0.61 4.32 -3.14
CA ALA A 141 0.05 5.23 -4.06
C ALA A 141 0.09 4.67 -5.44
N ALA A 142 0.32 3.38 -5.61
CA ALA A 142 0.28 2.81 -6.92
C ALA A 142 -1.10 2.77 -7.59
N CYS A 143 -2.13 2.44 -6.82
CA CYS A 143 -3.50 2.48 -7.35
C CYS A 143 -3.85 3.89 -7.77
N PHE A 144 -3.48 4.86 -6.94
CA PHE A 144 -3.74 6.26 -7.22
C PHE A 144 -3.08 6.68 -8.52
N LEU A 145 -1.84 6.26 -8.81
CA LEU A 145 -1.22 6.68 -10.08
C LEU A 145 -2.03 6.16 -11.26
N ASP A 146 -2.47 4.91 -11.19
CA ASP A 146 -3.26 4.29 -12.22
C ASP A 146 -4.59 5.08 -12.44
N SER A 147 -5.26 5.41 -11.32
CA SER A 147 -6.51 6.21 -11.42
C SER A 147 -6.31 7.64 -11.96
N MET A 148 -5.22 8.29 -11.56
CA MET A 148 -4.96 9.65 -12.05
C MET A 148 -4.75 9.69 -13.56
N ALA A 149 -4.05 8.72 -14.09
CA ALA A 149 -3.86 8.58 -15.50
C ALA A 149 -5.15 8.25 -16.26
N THR A 150 -5.97 7.34 -15.67
CA THR A 150 -7.24 6.95 -16.23
C THR A 150 -8.22 8.11 -16.25
N LEU A 151 -8.13 9.01 -15.29
CA LEU A 151 -8.94 10.22 -15.24
C LEU A 151 -8.36 11.45 -15.88
N GLY A 152 -7.28 11.31 -16.61
CA GLY A 152 -6.77 12.40 -17.44
C GLY A 152 -6.16 13.54 -16.67
N LEU A 153 -5.68 13.31 -15.44
CA LEU A 153 -5.07 14.38 -14.68
C LEU A 153 -3.61 14.51 -14.97
N ALA A 154 -3.13 15.74 -14.97
CA ALA A 154 -1.74 16.01 -15.24
C ALA A 154 -0.96 15.73 -13.93
N ALA A 155 -0.72 14.45 -13.64
CA ALA A 155 -0.24 14.03 -12.35
C ALA A 155 1.11 13.40 -12.42
N TYR A 156 1.91 13.65 -11.38
CA TYR A 156 3.27 13.10 -11.31
C TYR A 156 3.44 12.43 -9.98
N GLY A 157 4.01 11.25 -9.96
CA GLY A 157 4.34 10.61 -8.71
C GLY A 157 5.85 10.82 -8.52
N TYR A 158 6.25 11.25 -7.32
CA TYR A 158 7.66 11.49 -7.00
C TYR A 158 8.04 10.69 -5.77
N GLY A 159 9.17 9.99 -5.88
CA GLY A 159 9.64 9.13 -4.84
C GLY A 159 11.15 8.88 -4.95
N ILE A 160 11.59 7.78 -4.32
CA ILE A 160 12.98 7.34 -4.33
C ILE A 160 13.09 6.02 -4.99
N ARG A 161 14.10 5.87 -5.83
CA ARG A 161 14.41 4.62 -6.50
C ARG A 161 15.32 3.82 -5.59
N TYR A 162 14.74 3.01 -4.72
CA TYR A 162 15.52 2.20 -3.81
C TYR A 162 16.23 1.13 -4.62
N GLU A 163 17.53 0.92 -4.41
CA GLU A 163 18.19 -0.22 -5.03
C GLU A 163 17.66 -1.57 -4.50
N PHE A 164 17.24 -1.61 -3.23
CA PHE A 164 16.70 -2.82 -2.59
C PHE A 164 15.34 -2.43 -2.02
N GLY A 165 14.31 -3.13 -2.45
CA GLY A 165 12.93 -2.81 -2.01
C GLY A 165 12.65 -3.64 -0.79
N ILE A 166 11.38 -3.99 -0.59
CA ILE A 166 11.02 -4.78 0.60
C ILE A 166 11.73 -6.15 0.48
N PHE A 167 12.34 -6.62 1.55
CA PHE A 167 13.07 -7.86 1.54
C PHE A 167 12.22 -9.07 1.09
N ASN A 168 12.88 -10.04 0.46
CA ASN A 168 12.31 -11.35 0.22
C ASN A 168 12.32 -12.13 1.52
N GLN A 169 11.18 -12.69 1.82
CA GLN A 169 10.96 -13.52 3.02
C GLN A 169 11.12 -15.00 2.68
N LYS A 170 12.01 -15.64 3.40
CA LYS A 170 12.18 -17.10 3.40
C LYS A 170 11.76 -17.57 4.78
N ILE A 171 11.14 -18.75 4.86
CA ILE A 171 10.87 -19.36 6.14
C ILE A 171 11.84 -20.55 6.32
N CYS A 172 12.63 -20.53 7.40
CA CYS A 172 13.56 -21.60 7.72
CA CYS A 172 13.61 -21.58 7.73
C CYS A 172 13.27 -22.09 9.14
N GLY A 173 12.91 -23.36 9.24
CA GLY A 173 12.58 -23.95 10.56
C GLY A 173 11.40 -23.27 11.20
N GLY A 174 10.51 -22.77 10.36
CA GLY A 174 9.36 -22.01 10.80
C GLY A 174 9.58 -20.54 11.15
N TRP A 175 10.81 -20.02 11.03
CA TRP A 175 11.14 -18.65 11.31
C TRP A 175 11.38 -17.81 10.05
N GLN A 176 10.98 -16.55 10.09
CA GLN A 176 11.29 -15.60 9.01
C GLN A 176 12.80 -15.38 8.95
N MET A 177 13.34 -15.50 7.75
CA MET A 177 14.68 -14.98 7.45
C MET A 177 14.48 -13.92 6.33
N GLU A 178 15.33 -12.92 6.31
CA GLU A 178 15.26 -11.82 5.29
C GLU A 178 16.38 -11.95 4.28
N GLU A 179 16.08 -11.77 3.00
CA GLU A 179 17.14 -11.65 2.02
CA GLU A 179 17.10 -11.69 1.95
C GLU A 179 16.89 -10.42 1.18
N ALA A 180 17.96 -9.82 0.72
CA ALA A 180 17.89 -8.60 -0.04
C ALA A 180 17.15 -8.84 -1.33
N ASP A 181 16.36 -7.85 -1.71
CA ASP A 181 15.48 -7.90 -2.89
C ASP A 181 16.26 -7.11 -3.95
N ASP A 182 17.11 -7.81 -4.62
CA ASP A 182 17.99 -7.23 -5.65
C ASP A 182 17.23 -7.17 -6.97
N TRP A 183 16.17 -6.36 -6.97
CA TRP A 183 15.19 -6.35 -8.05
C TRP A 183 15.74 -5.78 -9.37
N LEU A 184 16.86 -5.07 -9.32
CA LEU A 184 17.43 -4.46 -10.51
C LEU A 184 18.51 -5.31 -11.17
N ARG A 185 18.74 -6.52 -10.67
CA ARG A 185 19.90 -7.32 -11.12
C ARG A 185 19.92 -7.54 -12.64
N TYR A 186 18.76 -7.90 -13.17
CA TYR A 186 18.62 -8.21 -14.60
C TYR A 186 18.28 -6.99 -15.43
N GLY A 187 18.12 -5.83 -14.80
CA GLY A 187 17.74 -4.59 -15.45
C GLY A 187 16.22 -4.37 -15.34
N ASN A 188 15.80 -3.12 -15.56
CA ASN A 188 14.40 -2.71 -15.42
C ASN A 188 14.07 -2.05 -16.77
N PRO A 189 13.34 -2.75 -17.65
CA PRO A 189 13.10 -2.20 -18.96
C PRO A 189 12.06 -1.07 -18.95
N TRP A 190 11.40 -0.86 -17.85
CA TRP A 190 10.35 0.12 -17.78
C TRP A 190 10.82 1.52 -17.47
N GLU A 191 12.01 1.69 -16.87
CA GLU A 191 12.45 3.01 -16.49
C GLU A 191 13.32 3.62 -17.57
N LYS A 192 13.39 4.94 -17.59
CA LYS A 192 14.38 5.66 -18.40
C LYS A 192 15.17 6.58 -17.49
N ALA A 193 16.47 6.33 -17.41
CA ALA A 193 17.35 7.23 -16.66
C ALA A 193 17.35 8.55 -17.34
N ARG A 194 17.33 9.63 -16.57
CA ARG A 194 17.45 10.97 -17.11
C ARG A 194 18.61 11.74 -16.48
N PRO A 195 19.85 11.25 -16.66
CA PRO A 195 21.02 11.86 -16.00
C PRO A 195 21.20 13.34 -16.31
N GLU A 196 20.62 13.80 -17.41
CA GLU A 196 20.61 15.21 -17.78
C GLU A 196 19.80 16.15 -16.87
N PHE A 197 18.88 15.63 -16.05
CA PHE A 197 18.05 16.48 -15.17
C PHE A 197 18.45 16.28 -13.70
N THR A 198 19.67 15.85 -13.51
CA THR A 198 20.27 15.71 -12.19
C THR A 198 20.31 17.03 -11.44
N LEU A 199 20.02 17.01 -10.14
CA LEU A 199 19.90 18.23 -9.33
C LEU A 199 20.64 18.04 -8.00
N PRO A 200 21.15 19.11 -7.43
CA PRO A 200 21.86 19.05 -6.12
C PRO A 200 20.95 19.13 -4.93
N VAL A 201 21.27 18.38 -3.88
CA VAL A 201 20.58 18.39 -2.62
C VAL A 201 21.63 18.62 -1.56
N HIS A 202 21.30 19.52 -0.64
CA HIS A 202 22.23 20.00 0.41
C HIS A 202 21.92 19.41 1.76
N PHE A 203 22.98 19.11 2.54
CA PHE A 203 22.87 18.60 3.89
C PHE A 203 23.92 19.29 4.80
N TYR A 204 23.65 19.23 6.09
CA TYR A 204 24.51 19.78 7.15
C TYR A 204 24.67 21.29 6.98
N GLY A 205 25.91 21.78 7.10
CA GLY A 205 26.19 23.19 6.97
C GLY A 205 25.78 24.03 8.18
N ARG A 206 25.63 25.33 7.95
CA ARG A 206 25.22 26.26 8.99
C ARG A 206 24.53 27.43 8.32
N VAL A 207 23.84 28.22 9.13
CA VAL A 207 23.12 29.39 8.67
C VAL A 207 23.88 30.65 9.02
N GLU A 208 24.08 31.53 8.03
CA GLU A 208 24.61 32.86 8.30
CA GLU A 208 24.65 32.85 8.28
C GLU A 208 23.55 33.87 8.00
N HIS A 209 23.44 34.89 8.87
CA HIS A 209 22.51 36.00 8.66
C HIS A 209 23.24 37.18 8.07
N THR A 210 22.86 37.58 6.86
CA THR A 210 23.39 38.78 6.24
C THR A 210 22.33 39.90 6.42
N SER A 211 22.65 41.08 5.89
CA SER A 211 21.67 42.17 5.70
C SER A 211 20.57 41.78 4.68
N GLN A 212 20.96 40.93 3.73
CA GLN A 212 20.08 40.32 2.72
C GLN A 212 19.38 38.96 3.11
N GLY A 213 19.01 38.72 4.37
CA GLY A 213 18.43 37.44 4.81
C GLY A 213 19.41 36.33 5.20
N ALA A 214 18.86 35.16 5.43
CA ALA A 214 19.63 33.99 5.86
C ALA A 214 20.25 33.32 4.65
N LYS A 215 21.39 32.71 4.84
CA LYS A 215 22.10 31.98 3.77
C LYS A 215 22.51 30.66 4.41
N TRP A 216 22.26 29.54 3.71
CA TRP A 216 22.61 28.21 4.23
C TRP A 216 23.89 27.84 3.54
N VAL A 217 24.98 27.76 4.29
CA VAL A 217 26.32 27.63 3.69
C VAL A 217 27.07 26.44 4.27
N ASP A 218 28.20 26.13 3.61
CA ASP A 218 29.18 25.08 4.00
C ASP A 218 28.50 23.74 4.02
N THR A 219 27.57 23.53 3.10
CA THR A 219 26.82 22.28 3.07
C THR A 219 27.56 21.16 2.31
N GLN A 220 27.17 19.91 2.55
CA GLN A 220 27.59 18.77 1.75
C GLN A 220 26.55 18.57 0.68
N VAL A 221 26.96 18.26 -0.54
CA VAL A 221 26.07 18.12 -1.68
C VAL A 221 25.97 16.64 -2.04
N VAL A 222 24.76 16.17 -2.30
CA VAL A 222 24.51 14.89 -2.93
C VAL A 222 23.69 15.19 -4.18
N LEU A 223 23.95 14.49 -5.25
CA LEU A 223 23.14 14.68 -6.48
C LEU A 223 21.94 13.75 -6.51
N ALA A 224 20.83 14.24 -7.05
CA ALA A 224 19.62 13.49 -7.25
C ALA A 224 19.44 13.29 -8.76
N MET A 225 19.60 12.05 -9.20
CA MET A 225 19.39 11.67 -10.57
C MET A 225 18.05 11.01 -10.78
N PRO A 226 17.25 11.55 -11.71
CA PRO A 226 15.91 10.98 -11.87
C PRO A 226 15.83 9.83 -12.85
N TYR A 227 14.97 8.89 -12.54
CA TYR A 227 14.58 7.79 -13.42
C TYR A 227 13.06 7.87 -13.61
N ASP A 228 12.63 7.88 -14.85
CA ASP A 228 11.22 8.07 -15.15
C ASP A 228 10.61 6.75 -15.59
N THR A 229 9.41 6.45 -15.04
CA THR A 229 8.64 5.29 -15.42
C THR A 229 7.29 5.73 -15.96
N PRO A 230 6.88 5.15 -17.09
CA PRO A 230 5.53 5.52 -17.60
C PRO A 230 4.38 4.90 -16.84
N VAL A 231 3.27 5.65 -16.72
CA VAL A 231 2.09 5.23 -16.02
C VAL A 231 0.89 5.37 -17.00
N PRO A 232 0.50 4.26 -17.67
CA PRO A 232 -0.54 4.30 -18.70
C PRO A 232 -1.93 4.37 -18.08
N GLY A 233 -2.77 5.26 -18.60
CA GLY A 233 -4.17 5.21 -18.20
C GLY A 233 -4.91 4.10 -18.95
N TYR A 234 -6.14 3.80 -18.55
CA TYR A 234 -6.93 2.73 -19.16
C TYR A 234 -7.56 3.14 -20.48
N ARG A 235 -6.95 2.69 -21.54
CA ARG A 235 -7.48 2.88 -22.90
C ARG A 235 -7.81 4.31 -23.33
N ASN A 236 -7.10 5.27 -22.79
CA ASN A 236 -7.32 6.66 -23.09
C ASN A 236 -6.13 7.37 -23.75
N ASN A 237 -5.08 6.60 -24.05
CA ASN A 237 -3.83 7.10 -24.59
C ASN A 237 -3.11 8.13 -23.73
N VAL A 238 -3.40 8.17 -22.43
CA VAL A 238 -2.69 9.09 -21.54
C VAL A 238 -1.58 8.28 -20.90
N VAL A 239 -0.38 8.84 -20.83
CA VAL A 239 0.73 8.18 -20.15
C VAL A 239 1.42 9.26 -19.28
N ASN A 240 1.27 9.11 -17.97
CA ASN A 240 1.81 10.02 -16.99
C ASN A 240 3.18 9.45 -16.54
N THR A 241 3.86 10.19 -15.69
CA THR A 241 5.24 9.90 -15.25
C THR A 241 5.29 9.66 -13.77
N MET A 242 6.01 8.63 -13.38
CA MET A 242 6.49 8.43 -12.02
C MET A 242 7.98 8.71 -12.02
N ARG A 243 8.42 9.74 -11.32
CA ARG A 243 9.85 10.15 -11.34
C ARG A 243 10.48 9.75 -9.99
N LEU A 244 11.45 8.83 -10.02
CA LEU A 244 12.08 8.33 -8.82
C LEU A 244 13.57 8.78 -8.80
N TRP A 245 14.02 9.29 -7.65
CA TRP A 245 15.33 9.92 -7.55
C TRP A 245 16.32 8.89 -6.99
N SER A 246 17.53 8.91 -7.54
CA SER A 246 18.62 8.02 -7.09
C SER A 246 19.77 8.90 -6.64
N ALA A 247 20.49 8.53 -5.59
CA ALA A 247 21.55 9.37 -5.03
C ALA A 247 22.87 9.14 -5.68
N LYS A 248 23.59 10.20 -6.05
CA LYS A 248 24.92 10.08 -6.63
C LYS A 248 25.86 11.06 -5.97
N ALA A 249 27.08 10.68 -5.81
CA ALA A 249 28.05 11.58 -5.23
C ALA A 249 28.54 12.54 -6.33
N PRO A 250 28.79 13.81 -6.00
CA PRO A 250 29.56 14.64 -7.01
C PRO A 250 30.99 14.14 -7.29
N ASN A 251 31.56 14.41 -8.47
CA ASN A 251 32.94 13.85 -8.83
C ASN A 251 34.16 14.36 -8.06
N ASP A 252 34.00 15.52 -7.45
CA ASP A 252 35.01 16.05 -6.52
C ASP A 252 34.78 15.62 -5.06
N PHE A 253 33.78 14.77 -4.80
CA PHE A 253 33.44 14.21 -3.45
C PHE A 253 34.66 13.58 -2.76
N ASN A 254 34.93 14.09 -1.56
CA ASN A 254 36.10 13.74 -0.77
C ASN A 254 37.42 14.10 -1.45
N LEU A 255 37.41 14.90 -2.55
CA LEU A 255 38.62 15.08 -3.39
C LEU A 255 39.13 16.56 -3.57
N GLY A 262 43.95 8.15 1.25
CA GLY A 262 44.19 9.07 0.11
C GLY A 262 43.17 8.91 -1.05
N TYR A 263 43.67 8.92 -2.28
CA TYR A 263 42.79 8.86 -3.48
C TYR A 263 41.87 7.67 -3.49
N ILE A 264 42.38 6.45 -3.28
CA ILE A 264 41.53 5.23 -3.38
C ILE A 264 40.37 5.31 -2.38
N GLN A 265 40.73 5.70 -1.16
CA GLN A 265 39.69 5.76 -0.07
C GLN A 265 38.64 6.78 -0.37
N ALA A 266 39.02 7.91 -0.96
CA ALA A 266 38.05 8.95 -1.34
C ALA A 266 37.04 8.50 -2.36
N VAL A 267 37.49 7.68 -3.33
CA VAL A 267 36.57 7.15 -4.27
C VAL A 267 35.67 6.13 -3.60
N LEU A 268 36.23 5.31 -2.72
CA LEU A 268 35.38 4.23 -2.11
C LEU A 268 34.32 4.86 -1.17
N ASP A 269 34.68 6.01 -0.60
CA ASP A 269 33.78 6.72 0.32
C ASP A 269 32.62 7.39 -0.35
N ARG A 270 32.57 7.37 -1.67
CA ARG A 270 31.35 7.84 -2.34
C ARG A 270 30.08 7.12 -1.93
N ASN A 271 30.23 5.89 -1.44
CA ASN A 271 29.13 5.10 -0.94
CA ASN A 271 29.14 5.09 -0.87
C ASN A 271 28.37 5.80 0.21
N LEU A 272 29.05 6.61 0.98
CA LEU A 272 28.38 7.29 2.05
C LEU A 272 27.24 8.15 1.51
N ALA A 273 27.46 8.86 0.40
CA ALA A 273 26.41 9.65 -0.20
C ALA A 273 25.37 8.80 -0.88
N GLU A 274 25.80 7.74 -1.53
CA GLU A 274 24.91 6.96 -2.39
C GLU A 274 24.06 6.02 -1.56
N ASN A 275 24.41 5.78 -0.30
CA ASN A 275 23.55 5.02 0.60
C ASN A 275 22.18 5.59 0.87
N ILE A 276 21.95 6.85 0.57
CA ILE A 276 20.62 7.45 0.76
C ILE A 276 19.52 6.72 0.01
N SER A 277 19.77 6.32 -1.25
CA SER A 277 18.78 5.59 -1.99
C SER A 277 18.97 4.06 -2.02
N ARG A 278 19.70 3.50 -1.08
CA ARG A 278 20.04 2.12 -1.18
C ARG A 278 18.93 1.16 -0.80
N VAL A 279 18.22 1.48 0.29
CA VAL A 279 17.27 0.50 0.83
C VAL A 279 16.00 1.13 1.47
N LEU A 280 14.89 0.50 1.19
CA LEU A 280 13.60 0.85 1.76
C LEU A 280 13.58 0.45 3.26
N TYR A 281 13.23 1.35 4.15
CA TYR A 281 13.00 1.00 5.56
C TYR A 281 11.74 0.08 5.64
N PRO A 282 11.90 -1.11 6.21
CA PRO A 282 10.85 -2.16 6.07
C PRO A 282 9.85 -2.18 7.24
N ASN A 283 9.52 -1.04 7.81
CA ASN A 283 8.55 -0.97 8.90
C ASN A 283 7.21 -0.54 8.34
N ASP A 284 6.18 -1.12 8.86
CA ASP A 284 4.86 -0.76 8.51
C ASP A 284 4.24 -0.27 9.82
N ASN A 285 3.70 0.93 9.84
CA ASN A 285 3.02 1.42 11.04
C ASN A 285 3.93 1.47 12.25
N PHE A 286 5.20 1.88 12.06
CA PHE A 286 6.11 2.02 13.19
C PHE A 286 7.14 3.10 12.79
N PHE A 287 7.44 4.01 13.69
CA PHE A 287 8.44 5.03 13.44
C PHE A 287 9.80 4.69 14.05
N GLU A 288 10.84 4.69 13.21
CA GLU A 288 12.23 4.54 13.70
C GLU A 288 12.95 5.84 13.32
N GLY A 289 13.36 6.58 14.31
CA GLY A 289 13.97 7.90 14.14
C GLY A 289 15.46 7.85 13.83
N LYS A 290 15.84 7.32 12.66
CA LYS A 290 17.24 7.17 12.29
C LYS A 290 17.63 8.26 11.30
N GLU A 291 18.86 8.71 11.41
CA GLU A 291 19.39 9.72 10.54
C GLU A 291 19.23 9.37 9.05
N LEU A 292 19.56 8.14 8.67
CA LEU A 292 19.45 7.78 7.25
C LEU A 292 18.01 7.99 6.71
N ARG A 293 16.99 7.63 7.50
CA ARG A 293 15.62 7.84 7.07
C ARG A 293 15.30 9.32 6.92
N LEU A 294 15.78 10.15 7.79
CA LEU A 294 15.56 11.59 7.67
C LEU A 294 16.25 12.09 6.39
N LYS A 295 17.46 11.61 6.08
CA LYS A 295 18.11 11.98 4.83
C LYS A 295 17.27 11.61 3.62
N GLN A 296 16.69 10.43 3.62
CA GLN A 296 15.81 9.99 2.55
C GLN A 296 14.63 10.93 2.36
N GLU A 297 13.98 11.27 3.46
CA GLU A 297 12.87 12.18 3.42
C GLU A 297 13.21 13.56 2.85
N TYR A 298 14.33 14.12 3.26
CA TYR A 298 14.69 15.44 2.74
C TYR A 298 15.11 15.32 1.26
N PHE A 299 15.87 14.28 0.96
CA PHE A 299 16.37 14.02 -0.43
C PHE A 299 15.18 14.06 -1.42
N VAL A 300 14.14 13.32 -1.16
CA VAL A 300 13.01 13.28 -2.06
C VAL A 300 12.31 14.62 -2.17
N VAL A 301 12.17 15.31 -1.05
CA VAL A 301 11.50 16.61 -1.06
C VAL A 301 12.32 17.71 -1.75
N ALA A 302 13.63 17.80 -1.49
CA ALA A 302 14.46 18.84 -2.05
C ALA A 302 14.60 18.72 -3.56
N ALA A 303 14.80 17.50 -4.06
CA ALA A 303 14.93 17.29 -5.53
C ALA A 303 13.56 17.56 -6.23
N THR A 304 12.48 17.06 -5.63
CA THR A 304 11.14 17.18 -6.19
C THR A 304 10.76 18.66 -6.27
N LEU A 305 10.96 19.38 -5.19
CA LEU A 305 10.55 20.81 -5.17
C LEU A 305 11.31 21.64 -6.22
N GLN A 306 12.60 21.36 -6.48
CA GLN A 306 13.28 22.06 -7.54
C GLN A 306 12.69 21.79 -8.91
N ASP A 307 12.27 20.55 -9.12
CA ASP A 307 11.65 20.15 -10.39
C ASP A 307 10.33 20.83 -10.57
N ILE A 308 9.54 20.90 -9.51
CA ILE A 308 8.26 21.57 -9.53
C ILE A 308 8.41 23.06 -9.89
N ILE A 309 9.38 23.72 -9.26
CA ILE A 309 9.55 25.13 -9.47
C ILE A 309 10.03 25.38 -10.90
N ARG A 310 10.94 24.53 -11.37
CA ARG A 310 11.47 24.66 -12.73
C ARG A 310 10.32 24.64 -13.76
N ARG A 311 9.41 23.69 -13.60
CA ARG A 311 8.32 23.43 -14.48
C ARG A 311 7.36 24.57 -14.37
N PHE A 312 7.16 25.13 -13.17
CA PHE A 312 6.32 26.35 -13.00
C PHE A 312 6.89 27.60 -13.71
N LYS A 313 8.21 27.78 -13.66
CA LYS A 313 8.80 29.00 -14.24
C LYS A 313 8.81 28.93 -15.75
N SER A 314 8.84 27.71 -16.31
CA SER A 314 8.87 27.49 -17.77
C SER A 314 7.47 27.39 -18.37
N SER A 315 6.63 28.39 -18.15
CA SER A 315 5.26 28.38 -18.66
C SER A 315 5.14 29.30 -19.85
N THR A 325 8.70 35.07 -11.75
CA THR A 325 8.53 36.14 -10.76
C THR A 325 7.25 35.93 -9.97
N ASN A 326 6.14 35.60 -10.65
CA ASN A 326 4.85 35.73 -9.97
C ASN A 326 4.29 34.46 -9.28
N PHE A 327 4.72 34.34 -8.02
CA PHE A 327 4.34 33.21 -7.21
C PHE A 327 2.93 33.28 -6.71
N ASP A 328 2.18 34.35 -6.94
CA ASP A 328 0.75 34.36 -6.52
C ASP A 328 -0.07 33.31 -7.25
N ALA A 329 0.34 32.98 -8.47
CA ALA A 329 -0.33 32.00 -9.30
C ALA A 329 0.14 30.54 -9.03
N PHE A 330 1.10 30.34 -8.11
CA PHE A 330 1.69 29.05 -7.87
C PHE A 330 0.65 28.00 -7.48
N PRO A 331 -0.19 28.32 -6.49
CA PRO A 331 -1.22 27.40 -6.07
C PRO A 331 -2.32 27.17 -7.13
N ASP A 332 -2.46 28.04 -8.10
CA ASP A 332 -3.37 27.78 -9.27
C ASP A 332 -2.79 26.80 -10.27
N LYS A 333 -1.48 26.59 -10.22
CA LYS A 333 -0.79 25.74 -11.16
C LYS A 333 -0.15 24.49 -10.53
N VAL A 334 -0.13 24.39 -9.19
CA VAL A 334 0.55 23.33 -8.54
C VAL A 334 -0.30 22.88 -7.36
N ALA A 335 -0.43 21.56 -7.23
CA ALA A 335 -0.93 20.89 -5.98
C ALA A 335 0.11 19.88 -5.51
N ILE A 336 0.44 19.90 -4.21
CA ILE A 336 1.35 18.92 -3.64
C ILE A 336 0.57 18.13 -2.61
N GLN A 337 0.44 16.83 -2.80
CA GLN A 337 -0.21 15.96 -1.88
C GLN A 337 0.85 15.18 -1.10
N LEU A 338 0.80 15.29 0.22
CA LEU A 338 1.74 14.63 1.12
C LEU A 338 1.16 13.31 1.55
N ASN A 339 1.81 12.21 1.16
CA ASN A 339 1.36 10.88 1.52
C ASN A 339 1.87 10.53 2.92
N ASP A 340 1.07 10.88 3.94
CA ASP A 340 1.48 10.86 5.33
C ASP A 340 2.53 11.97 5.61
N THR A 341 3.19 11.91 6.74
CA THR A 341 4.14 12.96 7.14
C THR A 341 5.49 12.70 6.55
N HIS A 342 5.67 11.57 5.87
CA HIS A 342 7.03 11.20 5.42
C HIS A 342 7.67 12.29 4.53
N PRO A 343 6.89 12.98 3.67
CA PRO A 343 7.45 14.12 2.91
C PRO A 343 7.10 15.48 3.48
N SER A 344 6.88 15.54 4.82
CA SER A 344 6.44 16.78 5.48
C SER A 344 7.42 17.93 5.36
N LEU A 345 8.73 17.62 5.18
CA LEU A 345 9.71 18.67 5.02
C LEU A 345 9.46 19.48 3.77
N ALA A 346 8.56 19.06 2.90
CA ALA A 346 8.13 19.91 1.78
C ALA A 346 7.63 21.28 2.23
N ILE A 347 6.98 21.32 3.40
CA ILE A 347 6.41 22.59 3.91
C ILE A 347 7.53 23.59 4.22
N PRO A 348 8.49 23.23 5.09
CA PRO A 348 9.55 24.19 5.34
C PRO A 348 10.53 24.38 4.19
N GLU A 349 10.65 23.37 3.31
CA GLU A 349 11.50 23.58 2.13
C GLU A 349 10.90 24.57 1.16
N LEU A 350 9.59 24.46 0.93
CA LEU A 350 8.93 25.44 0.11
C LEU A 350 9.14 26.87 0.70
N MET A 351 9.01 27.01 2.00
CA MET A 351 9.18 28.29 2.63
C MET A 351 10.60 28.75 2.47
N ARG A 352 11.54 27.83 2.58
CA ARG A 352 12.97 28.18 2.42
C ARG A 352 13.25 28.74 1.05
N VAL A 353 12.79 28.02 0.03
CA VAL A 353 12.99 28.44 -1.31
C VAL A 353 12.35 29.81 -1.56
N LEU A 354 11.09 29.97 -1.13
CA LEU A 354 10.38 31.22 -1.39
C LEU A 354 10.97 32.43 -0.67
N VAL A 355 11.35 32.27 0.59
CA VAL A 355 11.85 33.35 1.41
C VAL A 355 13.35 33.60 1.17
N ASP A 356 14.17 32.55 1.25
CA ASP A 356 15.67 32.71 1.15
C ASP A 356 16.16 32.91 -0.25
N LEU A 357 15.53 32.26 -1.23
CA LEU A 357 16.04 32.30 -2.61
C LEU A 357 15.26 33.20 -3.51
N GLU A 358 13.92 33.19 -3.42
CA GLU A 358 13.07 34.04 -4.28
C GLU A 358 12.73 35.36 -3.64
N ARG A 359 13.04 35.52 -2.35
CA ARG A 359 12.93 36.80 -1.66
C ARG A 359 11.50 37.30 -1.46
N LEU A 360 10.57 36.38 -1.28
CA LEU A 360 9.22 36.73 -0.91
C LEU A 360 9.21 37.05 0.58
N ASP A 361 8.31 37.93 0.98
CA ASP A 361 8.10 38.17 2.41
C ASP A 361 7.43 36.92 2.97
N TRP A 362 7.66 36.69 4.24
CA TRP A 362 7.18 35.54 4.96
C TRP A 362 5.68 35.30 4.75
N ASP A 363 4.87 36.32 4.92
CA ASP A 363 3.39 36.13 4.91
C ASP A 363 2.85 35.68 3.53
N LYS A 364 3.40 36.24 2.47
CA LYS A 364 3.07 35.84 1.13
C LYS A 364 3.55 34.42 0.85
N ALA A 365 4.79 34.10 1.24
CA ALA A 365 5.28 32.73 1.10
C ALA A 365 4.41 31.72 1.84
N TRP A 366 4.00 32.05 3.05
CA TRP A 366 3.15 31.14 3.81
C TRP A 366 1.75 30.91 3.19
N GLU A 367 1.12 31.98 2.74
CA GLU A 367 -0.11 31.89 1.99
C GLU A 367 0.00 30.91 0.80
N VAL A 368 1.08 31.04 0.02
CA VAL A 368 1.31 30.17 -1.14
C VAL A 368 1.51 28.74 -0.70
N THR A 369 2.30 28.54 0.34
CA THR A 369 2.56 27.20 0.84
C THR A 369 1.31 26.45 1.30
N VAL A 370 0.47 27.11 2.10
CA VAL A 370 -0.71 26.50 2.67
C VAL A 370 -1.69 26.15 1.54
N LYS A 371 -1.84 27.04 0.56
CA LYS A 371 -2.73 26.77 -0.59
C LYS A 371 -2.27 25.69 -1.53
N THR A 372 -0.97 25.45 -1.51
CA THR A 372 -0.38 24.44 -2.36
C THR A 372 -0.42 23.03 -1.76
N CYS A 373 -0.20 22.95 -0.44
CA CYS A 373 0.01 21.66 0.22
C CYS A 373 -1.28 21.10 0.82
N ALA A 374 -1.38 19.78 0.77
CA ALA A 374 -2.43 19.04 1.46
C ALA A 374 -1.84 17.75 2.00
N TYR A 375 -2.40 17.30 3.14
CA TYR A 375 -1.86 16.22 3.90
C TYR A 375 -2.92 15.12 4.12
N THR A 376 -2.48 13.90 3.87
CA THR A 376 -3.25 12.70 4.13
C THR A 376 -2.61 11.96 5.29
N ASN A 377 -3.40 11.73 6.34
CA ASN A 377 -3.03 10.93 7.49
C ASN A 377 -3.50 9.49 7.31
N HIS A 378 -2.63 8.53 7.62
CA HIS A 378 -2.93 7.12 7.44
C HIS A 378 -2.88 6.28 8.73
N THR A 379 -2.76 6.87 9.88
CA THR A 379 -2.68 6.04 11.07
C THR A 379 -2.93 6.86 12.29
N VAL A 380 -3.52 6.23 13.29
CA VAL A 380 -3.59 6.84 14.61
C VAL A 380 -2.76 6.12 15.65
N LEU A 381 -2.01 5.08 15.31
CA LEU A 381 -1.24 4.44 16.34
C LEU A 381 -0.06 5.34 16.75
N PRO A 382 0.11 5.58 18.05
CA PRO A 382 1.13 6.59 18.47
C PRO A 382 2.55 6.22 18.13
N GLU A 383 2.84 4.94 18.08
CA GLU A 383 4.21 4.54 17.77
C GLU A 383 4.53 4.69 16.27
N ALA A 384 3.53 4.97 15.45
CA ALA A 384 3.71 5.15 14.00
C ALA A 384 3.94 6.62 13.67
N LEU A 385 3.64 7.54 14.58
CA LEU A 385 3.72 8.96 14.25
C LEU A 385 5.15 9.49 14.26
N GLU A 386 5.53 10.32 13.28
CA GLU A 386 6.90 10.80 13.21
C GLU A 386 7.09 11.93 14.12
N ARG A 387 8.04 11.79 15.03
CA ARG A 387 8.41 12.85 15.92
C ARG A 387 9.93 12.90 15.93
N TRP A 388 10.54 13.83 15.21
CA TRP A 388 11.96 13.83 15.04
C TRP A 388 12.65 14.61 16.14
N PRO A 389 13.69 14.01 16.75
CA PRO A 389 14.49 14.82 17.71
C PRO A 389 15.07 16.09 17.12
N VAL A 390 14.97 17.19 17.88
CA VAL A 390 15.46 18.46 17.47
C VAL A 390 16.95 18.39 17.16
N HIS A 391 17.72 17.64 17.94
CA HIS A 391 19.22 17.57 17.74
C HIS A 391 19.60 17.02 16.36
N LEU A 392 18.80 16.09 15.82
CA LEU A 392 18.98 15.61 14.45
C LEU A 392 18.75 16.66 13.39
N LEU A 393 17.65 17.38 13.52
CA LEU A 393 17.33 18.47 12.57
C LEU A 393 18.29 19.57 12.71
N GLU A 394 18.76 19.84 13.92
CA GLU A 394 19.69 20.90 14.09
C GLU A 394 21.01 20.68 13.34
N THR A 395 21.49 19.45 13.36
CA THR A 395 22.74 19.08 12.69
C THR A 395 22.55 18.94 11.18
N LEU A 396 21.47 18.25 10.77
CA LEU A 396 21.30 17.88 9.36
C LEU A 396 20.73 19.05 8.55
N LEU A 397 19.77 19.81 9.13
CA LEU A 397 18.90 20.70 8.38
C LEU A 397 18.69 21.95 9.23
N PRO A 398 19.81 22.64 9.55
CA PRO A 398 19.71 23.76 10.45
C PRO A 398 18.75 24.86 9.99
N ARG A 399 18.72 25.17 8.68
CA ARG A 399 17.83 26.28 8.23
C ARG A 399 16.33 25.83 8.40
N HIS A 400 16.05 24.57 8.12
CA HIS A 400 14.71 24.03 8.24
C HIS A 400 14.25 24.09 9.68
N LEU A 401 15.14 23.82 10.62
CA LEU A 401 14.74 23.90 12.05
C LEU A 401 14.34 25.35 12.41
N GLN A 402 15.10 26.34 11.93
CA GLN A 402 14.77 27.74 12.16
C GLN A 402 13.40 28.08 11.62
N ILE A 403 13.12 27.61 10.43
CA ILE A 403 11.83 27.87 9.78
C ILE A 403 10.70 27.20 10.54
N ILE A 404 10.93 25.97 10.98
CA ILE A 404 9.92 25.27 11.78
C ILE A 404 9.60 26.00 13.07
N TYR A 405 10.62 26.52 13.76
CA TYR A 405 10.37 27.30 14.97
C TYR A 405 9.53 28.57 14.72
N GLU A 406 9.79 29.24 13.59
CA GLU A 406 9.05 30.44 13.22
C GLU A 406 7.60 30.11 12.84
N ILE A 407 7.40 29.01 12.16
CA ILE A 407 6.05 28.52 11.85
C ILE A 407 5.30 28.30 13.18
N ASN A 408 5.97 27.64 14.11
CA ASN A 408 5.40 27.27 15.40
C ASN A 408 4.99 28.53 16.16
N GLN A 409 5.84 29.51 16.22
CA GLN A 409 5.52 30.70 17.02
C GLN A 409 4.34 31.48 16.41
N ARG A 410 4.32 31.60 15.10
CA ARG A 410 3.22 32.24 14.42
C ARG A 410 1.91 31.48 14.53
N PHE A 411 1.99 30.18 14.48
CA PHE A 411 0.81 29.32 14.63
C PHE A 411 0.22 29.41 16.06
N LEU A 412 1.10 29.30 17.04
CA LEU A 412 0.66 29.40 18.47
C LEU A 412 0.14 30.78 18.80
N ASN A 413 0.64 31.84 18.14
CA ASN A 413 0.04 33.16 18.28
C ASN A 413 -1.42 33.20 17.83
N ARG A 414 -1.76 32.49 16.78
CA ARG A 414 -3.15 32.34 16.34
C ARG A 414 -3.97 31.57 17.31
N VAL A 415 -3.39 30.51 17.87
CA VAL A 415 -4.11 29.67 18.86
C VAL A 415 -4.45 30.53 20.07
N ALA A 416 -3.47 31.31 20.55
CA ALA A 416 -3.65 32.11 21.74
C ALA A 416 -4.69 33.19 21.55
N ALA A 417 -4.82 33.69 20.31
CA ALA A 417 -5.84 34.74 20.03
C ALA A 417 -7.24 34.12 19.96
N ALA A 418 -7.34 32.89 19.53
CA ALA A 418 -8.65 32.25 19.41
C ALA A 418 -9.13 31.64 20.73
N PHE A 419 -8.20 31.18 21.60
CA PHE A 419 -8.57 30.52 22.86
C PHE A 419 -7.77 31.17 23.97
N PRO A 420 -8.07 32.42 24.25
CA PRO A 420 -7.11 33.11 25.16
C PRO A 420 -7.13 32.51 26.59
N GLY A 421 -5.95 32.40 27.16
CA GLY A 421 -5.75 31.84 28.48
C GLY A 421 -5.70 30.34 28.54
N ASP A 422 -5.90 29.66 27.39
CA ASP A 422 -5.91 28.20 27.37
C ASP A 422 -4.48 27.70 27.17
N VAL A 423 -3.71 27.72 28.27
CA VAL A 423 -2.29 27.36 28.21
C VAL A 423 -2.05 25.93 27.95
N ASP A 424 -2.93 25.05 28.43
CA ASP A 424 -2.71 23.71 28.15
C ASP A 424 -2.87 23.41 26.60
N ARG A 425 -3.85 24.06 25.99
CA ARG A 425 -4.03 23.90 24.53
C ARG A 425 -2.76 24.34 23.78
N LEU A 426 -2.12 25.42 24.20
CA LEU A 426 -0.83 25.82 23.58
C LEU A 426 0.22 24.76 23.65
N ARG A 427 0.35 24.09 24.79
CA ARG A 427 1.26 22.95 24.88
C ARG A 427 0.86 21.77 24.00
N ARG A 428 -0.41 21.37 23.97
CA ARG A 428 -0.86 20.28 23.15
C ARG A 428 -0.71 20.52 21.65
N MET A 429 -0.85 21.76 21.22
CA MET A 429 -0.89 22.03 19.79
C MET A 429 0.49 22.37 19.23
N SER A 430 1.47 22.58 20.10
CA SER A 430 2.80 23.04 19.62
C SER A 430 3.36 22.05 18.66
N LEU A 431 4.09 22.55 17.67
CA LEU A 431 4.86 21.66 16.80
C LEU A 431 6.05 21.06 17.55
N VAL A 432 6.50 21.73 18.61
CA VAL A 432 7.67 21.33 19.42
C VAL A 432 7.17 20.64 20.68
N GLU A 433 7.49 19.36 20.82
CA GLU A 433 7.23 18.62 22.03
C GLU A 433 8.35 18.71 23.05
N GLU A 434 8.02 19.15 24.25
CA GLU A 434 8.97 19.19 25.39
C GLU A 434 9.18 17.83 26.04
N GLY A 435 10.31 17.67 26.70
CA GLY A 435 10.66 16.36 27.28
C GLY A 435 12.13 16.22 27.56
N ALA A 436 12.48 15.01 28.01
CA ALA A 436 13.87 14.55 28.05
C ALA A 436 14.55 14.99 26.72
N VAL A 437 14.01 14.54 25.58
CA VAL A 437 14.48 15.03 24.27
C VAL A 437 13.34 15.82 23.61
N LYS A 438 13.64 17.04 23.18
CA LYS A 438 12.71 17.85 22.45
C LYS A 438 12.55 17.19 21.04
N ARG A 439 11.33 17.12 20.53
CA ARG A 439 11.04 16.58 19.23
C ARG A 439 10.11 17.52 18.47
N ILE A 440 10.11 17.40 17.13
CA ILE A 440 9.15 18.06 16.30
C ILE A 440 8.07 17.05 15.91
N ASN A 441 6.81 17.41 16.13
CA ASN A 441 5.72 16.56 15.76
C ASN A 441 5.37 16.90 14.29
N MET A 442 5.65 15.98 13.38
CA MET A 442 5.53 16.33 11.97
C MET A 442 4.05 16.42 11.52
N ALA A 443 3.18 15.69 12.21
CA ALA A 443 1.73 15.75 11.89
C ALA A 443 1.19 17.14 12.21
N HIS A 444 1.61 17.71 13.33
CA HIS A 444 1.23 19.08 13.65
C HIS A 444 1.77 20.04 12.61
N LEU A 445 3.00 19.89 12.20
CA LEU A 445 3.55 20.71 11.10
C LEU A 445 2.67 20.60 9.82
N CYS A 446 2.28 19.38 9.44
CA CYS A 446 1.46 19.16 8.21
C CYS A 446 0.12 19.83 8.31
N ILE A 447 -0.50 19.79 9.49
CA ILE A 447 -1.82 20.43 9.65
C ILE A 447 -1.72 21.93 9.52
N ALA A 448 -0.74 22.55 10.22
CA ALA A 448 -0.52 23.98 10.19
C ALA A 448 -0.24 24.47 8.78
N GLY A 449 0.51 23.72 8.01
CA GLY A 449 0.93 24.09 6.69
C GLY A 449 0.16 23.64 5.47
N SER A 450 -1.00 23.02 5.70
CA SER A 450 -1.83 22.45 4.62
C SER A 450 -3.22 23.10 4.63
N HIS A 451 -3.80 23.29 3.46
CA HIS A 451 -5.21 23.74 3.38
C HIS A 451 -6.23 22.64 3.52
N ALA A 452 -5.80 21.37 3.47
CA ALA A 452 -6.71 20.22 3.63
C ALA A 452 -5.99 19.13 4.31
N VAL A 453 -6.68 18.47 5.22
CA VAL A 453 -6.18 17.33 5.96
C VAL A 453 -7.29 16.28 5.85
N ASN A 454 -6.93 15.08 5.40
CA ASN A 454 -7.89 14.05 5.30
C ASN A 454 -7.44 12.75 5.94
N GLY A 455 -8.43 11.99 6.44
CA GLY A 455 -8.26 10.57 6.72
C GLY A 455 -8.76 9.74 5.56
N VAL A 456 -8.70 8.44 5.74
CA VAL A 456 -8.71 7.47 4.64
C VAL A 456 -9.88 6.50 4.69
N ALA A 457 -10.79 6.76 5.63
CA ALA A 457 -12.11 6.12 5.69
C ALA A 457 -12.95 6.94 6.67
N ARG A 458 -14.26 6.80 6.61
CA ARG A 458 -15.14 7.68 7.36
C ARG A 458 -14.91 7.57 8.86
N ILE A 459 -14.78 6.36 9.38
CA ILE A 459 -14.59 6.21 10.81
C ILE A 459 -13.22 6.81 11.30
N HIS A 460 -12.18 6.64 10.46
CA HIS A 460 -10.84 7.15 10.71
C HIS A 460 -10.85 8.68 10.69
N SER A 461 -11.49 9.29 9.71
CA SER A 461 -11.60 10.75 9.65
C SER A 461 -12.36 11.30 10.86
N GLU A 462 -13.38 10.60 11.33
CA GLU A 462 -14.12 10.98 12.55
C GLU A 462 -13.24 10.87 13.78
N ILE A 463 -12.46 9.80 13.91
CA ILE A 463 -11.54 9.59 15.01
C ILE A 463 -10.49 10.72 15.04
N LEU A 464 -9.99 11.14 13.87
CA LEU A 464 -9.02 12.23 13.82
C LEU A 464 -9.62 13.53 14.42
N LYS A 465 -10.86 13.81 14.10
CA LYS A 465 -11.54 15.04 14.61
C LYS A 465 -11.94 14.98 16.06
N LYS A 466 -12.16 13.77 16.58
CA LYS A 466 -12.57 13.59 17.97
C LYS A 466 -11.46 13.34 18.96
N THR A 467 -10.32 12.87 18.52
CA THR A 467 -9.23 12.45 19.40
C THR A 467 -7.97 13.16 19.06
N ILE A 468 -7.14 12.63 18.17
CA ILE A 468 -5.78 13.10 18.16
C ILE A 468 -5.63 14.45 17.56
N PHE A 469 -6.52 14.84 16.62
CA PHE A 469 -6.44 16.21 16.10
C PHE A 469 -7.63 17.09 16.49
N LYS A 470 -8.33 16.74 17.58
CA LYS A 470 -9.40 17.52 18.07
C LYS A 470 -9.12 19.04 18.18
N ASP A 471 -8.00 19.38 18.79
CA ASP A 471 -7.67 20.78 19.02
C ASP A 471 -7.56 21.56 17.68
N PHE A 472 -6.98 20.92 16.67
CA PHE A 472 -6.79 21.54 15.35
C PHE A 472 -8.09 21.68 14.64
N TYR A 473 -8.94 20.69 14.78
CA TYR A 473 -10.28 20.73 14.19
C TYR A 473 -11.10 21.91 14.78
N GLU A 474 -10.96 22.17 16.07
CA GLU A 474 -11.69 23.27 16.67
C GLU A 474 -11.20 24.59 16.17
N LEU A 475 -9.89 24.68 15.90
CA LEU A 475 -9.30 25.92 15.40
C LEU A 475 -9.67 26.19 13.93
N GLU A 476 -9.66 25.15 13.11
CA GLU A 476 -9.80 25.29 11.61
C GLU A 476 -10.64 24.08 11.08
N PRO A 477 -11.90 24.07 11.38
CA PRO A 477 -12.77 22.94 11.05
C PRO A 477 -12.85 22.67 9.53
N HIS A 478 -12.80 23.74 8.75
CA HIS A 478 -12.85 23.69 7.30
C HIS A 478 -11.74 22.86 6.67
N LYS A 479 -10.62 22.70 7.36
CA LYS A 479 -9.52 21.96 6.80
C LYS A 479 -9.77 20.43 6.70
N PHE A 480 -10.61 19.90 7.60
CA PHE A 480 -10.69 18.45 7.81
C PHE A 480 -11.69 17.77 6.90
N GLN A 481 -11.21 16.75 6.17
CA GLN A 481 -12.06 16.04 5.24
C GLN A 481 -11.87 14.54 5.41
N ASN A 482 -12.71 13.81 4.68
CA ASN A 482 -12.54 12.35 4.49
C ASN A 482 -12.41 12.06 3.00
N LYS A 483 -11.55 11.08 2.67
CA LYS A 483 -11.43 10.53 1.32
C LYS A 483 -11.25 9.04 1.54
N THR A 484 -12.35 8.27 1.45
CA THR A 484 -12.21 6.86 1.68
C THR A 484 -11.35 6.24 0.57
N ASN A 485 -10.49 5.35 0.97
CA ASN A 485 -9.59 4.67 0.08
C ASN A 485 -10.35 3.84 -0.99
N GLY A 486 -9.59 3.43 -1.99
CA GLY A 486 -10.03 2.54 -3.01
C GLY A 486 -8.85 1.79 -3.63
N ILE A 487 -9.18 0.93 -4.56
CA ILE A 487 -8.24 0.09 -5.33
C ILE A 487 -8.57 0.20 -6.81
N THR A 488 -7.55 0.05 -7.64
CA THR A 488 -7.83 0.09 -9.05
C THR A 488 -8.44 -1.23 -9.55
N PRO A 489 -9.56 -1.15 -10.27
CA PRO A 489 -10.16 -2.36 -10.83
C PRO A 489 -9.48 -2.88 -12.05
N ARG A 490 -8.48 -2.15 -12.60
CA ARG A 490 -7.64 -2.72 -13.63
C ARG A 490 -6.78 -3.84 -13.06
N ARG A 491 -5.85 -3.54 -12.16
CA ARG A 491 -5.01 -4.59 -11.57
C ARG A 491 -5.87 -5.60 -10.78
N TRP A 492 -6.85 -5.12 -9.99
CA TRP A 492 -7.41 -5.97 -8.98
C TRP A 492 -8.71 -6.64 -9.39
N LEU A 493 -9.05 -6.53 -10.67
CA LEU A 493 -10.10 -7.40 -11.25
C LEU A 493 -9.75 -7.92 -12.63
N VAL A 494 -9.55 -7.02 -13.57
CA VAL A 494 -9.30 -7.40 -14.96
C VAL A 494 -8.00 -8.21 -15.11
N LEU A 495 -6.94 -7.72 -14.50
CA LEU A 495 -5.66 -8.41 -14.61
C LEU A 495 -5.62 -9.70 -13.81
N CYS A 496 -5.98 -9.65 -12.53
CA CYS A 496 -5.84 -10.83 -11.71
C CYS A 496 -6.99 -11.86 -11.84
N ASN A 497 -8.16 -11.45 -12.33
CA ASN A 497 -9.31 -12.35 -12.35
C ASN A 497 -10.07 -12.22 -13.66
N PRO A 498 -9.40 -12.57 -14.77
CA PRO A 498 -10.05 -12.34 -16.07
C PRO A 498 -11.33 -13.13 -16.26
N GLY A 499 -11.39 -14.31 -15.66
CA GLY A 499 -12.62 -15.12 -15.72
C GLY A 499 -13.84 -14.42 -15.13
N LEU A 500 -13.66 -13.78 -13.98
CA LEU A 500 -14.74 -13.01 -13.38
C LEU A 500 -15.06 -11.77 -14.20
N ALA A 501 -14.04 -11.07 -14.65
CA ALA A 501 -14.25 -9.89 -15.47
C ALA A 501 -15.09 -10.21 -16.71
N GLU A 502 -14.86 -11.37 -17.29
CA GLU A 502 -15.49 -11.77 -18.54
C GLU A 502 -16.95 -12.11 -18.33
N ILE A 503 -17.24 -12.86 -17.27
CA ILE A 503 -18.64 -13.22 -17.05
C ILE A 503 -19.48 -11.99 -16.69
N ILE A 504 -18.86 -11.00 -16.07
CA ILE A 504 -19.54 -9.76 -15.78
C ILE A 504 -19.80 -9.02 -17.09
N ALA A 505 -18.75 -8.88 -17.88
CA ALA A 505 -18.85 -8.20 -19.20
C ALA A 505 -19.90 -8.83 -20.11
N GLU A 506 -20.04 -10.14 -20.04
CA GLU A 506 -21.06 -10.81 -20.89
C GLU A 506 -22.47 -10.28 -20.63
N ARG A 507 -22.75 -9.94 -19.39
CA ARG A 507 -24.04 -9.40 -18.97
C ARG A 507 -24.18 -7.89 -19.12
N ILE A 508 -23.19 -7.13 -18.69
CA ILE A 508 -23.36 -5.67 -18.60
C ILE A 508 -22.42 -4.85 -19.45
N GLY A 509 -21.63 -5.51 -20.27
CA GLY A 509 -20.68 -4.82 -21.12
C GLY A 509 -19.38 -4.55 -20.35
N GLU A 510 -18.54 -3.78 -21.02
CA GLU A 510 -17.17 -3.45 -20.53
C GLU A 510 -17.01 -2.12 -19.87
N GLU A 511 -18.03 -1.25 -19.91
CA GLU A 511 -17.87 0.10 -19.38
C GLU A 511 -17.57 0.12 -17.89
N TYR A 512 -17.91 -0.93 -17.16
CA TYR A 512 -17.67 -0.95 -15.70
C TYR A 512 -16.20 -0.85 -15.29
N ILE A 513 -15.30 -1.27 -16.17
CA ILE A 513 -13.87 -1.27 -15.87
C ILE A 513 -13.34 0.13 -15.56
N SER A 514 -13.98 1.15 -16.11
CA SER A 514 -13.62 2.52 -15.73
C SER A 514 -14.80 3.25 -15.12
N ASP A 515 -15.85 2.54 -14.73
CA ASP A 515 -16.96 3.17 -14.01
C ASP A 515 -17.55 2.05 -13.17
N LEU A 516 -16.88 1.78 -12.07
CA LEU A 516 -17.17 0.56 -11.29
C LEU A 516 -18.52 0.53 -10.62
N ASP A 517 -19.13 1.70 -10.45
CA ASP A 517 -20.55 1.76 -9.99
C ASP A 517 -21.51 0.98 -10.85
N GLN A 518 -21.14 0.76 -12.10
CA GLN A 518 -21.99 -0.04 -12.99
C GLN A 518 -22.17 -1.51 -12.52
N LEU A 519 -21.30 -1.99 -11.64
CA LEU A 519 -21.51 -3.32 -11.06
C LEU A 519 -22.86 -3.47 -10.33
N ARG A 520 -23.44 -2.36 -9.89
CA ARG A 520 -24.81 -2.41 -9.26
C ARG A 520 -25.82 -3.10 -10.18
N LYS A 521 -25.61 -3.03 -11.48
CA LYS A 521 -26.51 -3.73 -12.42
C LYS A 521 -26.58 -5.24 -12.19
N LEU A 522 -25.54 -5.80 -11.56
CA LEU A 522 -25.53 -7.22 -11.24
C LEU A 522 -26.53 -7.66 -10.19
N LEU A 523 -27.07 -6.74 -9.42
CA LEU A 523 -28.16 -7.07 -8.52
C LEU A 523 -29.38 -7.67 -9.25
N SER A 524 -29.55 -7.38 -10.54
CA SER A 524 -30.69 -7.92 -11.30
CA SER A 524 -30.67 -7.92 -11.32
C SER A 524 -30.46 -9.38 -11.70
N TYR A 525 -29.31 -9.95 -11.39
CA TYR A 525 -28.98 -11.32 -11.77
C TYR A 525 -28.98 -12.33 -10.58
N VAL A 526 -29.26 -11.80 -9.38
CA VAL A 526 -28.99 -12.50 -8.13
C VAL A 526 -29.81 -13.78 -8.00
N ASP A 527 -30.91 -13.84 -8.77
CA ASP A 527 -31.72 -15.02 -8.89
C ASP A 527 -31.57 -15.70 -10.25
N ASP A 528 -30.53 -15.37 -10.99
CA ASP A 528 -30.37 -15.93 -12.33
C ASP A 528 -29.53 -17.19 -12.14
N GLU A 529 -30.11 -18.33 -12.46
CA GLU A 529 -29.41 -19.62 -12.27
C GLU A 529 -28.10 -19.73 -13.05
N ALA A 530 -28.06 -19.26 -14.30
CA ALA A 530 -26.86 -19.31 -15.14
C ALA A 530 -25.76 -18.44 -14.55
N PHE A 531 -26.12 -17.21 -14.12
CA PHE A 531 -25.12 -16.32 -13.47
C PHE A 531 -24.57 -16.88 -12.18
N ILE A 532 -25.44 -17.38 -11.30
CA ILE A 532 -25.04 -18.08 -10.07
C ILE A 532 -24.05 -19.22 -10.39
N ARG A 533 -24.38 -20.04 -11.34
CA ARG A 533 -23.48 -21.11 -11.77
C ARG A 533 -22.12 -20.59 -12.26
N ASP A 534 -22.14 -19.54 -13.08
CA ASP A 534 -20.89 -19.03 -13.64
C ASP A 534 -20.00 -18.37 -12.58
N VAL A 535 -20.60 -17.63 -11.65
CA VAL A 535 -19.81 -17.05 -10.55
C VAL A 535 -19.08 -18.16 -9.72
N ALA A 536 -19.83 -19.21 -9.38
CA ALA A 536 -19.30 -20.33 -8.61
C ALA A 536 -18.24 -21.10 -9.39
N LYS A 537 -18.43 -21.21 -10.70
CA LYS A 537 -17.45 -21.87 -11.56
C LYS A 537 -16.12 -21.11 -11.64
N VAL A 538 -16.19 -19.82 -11.82
CA VAL A 538 -14.97 -19.00 -11.85
C VAL A 538 -14.21 -19.16 -10.51
N LYS A 539 -14.92 -19.03 -9.38
CA LYS A 539 -14.23 -19.24 -8.08
C LYS A 539 -13.56 -20.63 -8.01
N GLN A 540 -14.27 -21.66 -8.43
CA GLN A 540 -13.73 -22.98 -8.45
C GLN A 540 -12.47 -23.13 -9.31
N GLU A 541 -12.50 -22.57 -10.51
CA GLU A 541 -11.30 -22.53 -11.37
C GLU A 541 -10.13 -21.84 -10.69
N ASN A 542 -10.41 -20.70 -10.06
CA ASN A 542 -9.36 -19.93 -9.40
C ASN A 542 -8.75 -20.73 -8.25
N LYS A 543 -9.58 -21.48 -7.53
CA LYS A 543 -9.11 -22.31 -6.42
C LYS A 543 -8.25 -23.46 -6.91
N LEU A 544 -8.63 -24.10 -8.01
CA LEU A 544 -7.82 -25.19 -8.63
C LEU A 544 -6.48 -24.70 -9.09
N LYS A 545 -6.46 -23.56 -9.75
CA LYS A 545 -5.26 -22.97 -10.27
C LYS A 545 -4.35 -22.58 -9.10
N PHE A 546 -4.91 -22.06 -8.03
CA PHE A 546 -4.07 -21.74 -6.86
C PHE A 546 -3.54 -22.97 -6.14
N ALA A 547 -4.36 -24.02 -6.02
CA ALA A 547 -3.98 -25.27 -5.35
C ALA A 547 -2.80 -25.96 -6.05
N ALA A 548 -2.73 -25.79 -7.37
CA ALA A 548 -1.67 -26.35 -8.23
C ALA A 548 -0.42 -25.49 -8.13
N TYR A 549 -0.61 -24.18 -8.04
CA TYR A 549 0.53 -23.27 -7.87
C TYR A 549 1.23 -23.68 -6.61
N LEU A 550 0.46 -23.92 -5.55
CA LEU A 550 1.03 -24.31 -4.29
C LEU A 550 1.84 -25.58 -4.42
N GLU A 551 1.28 -26.64 -5.04
CA GLU A 551 2.04 -27.88 -5.25
C GLU A 551 3.36 -27.67 -6.00
N ARG A 552 3.36 -27.00 -7.16
CA ARG A 552 4.59 -26.84 -7.95
C ARG A 552 5.69 -26.07 -7.21
N GLU A 553 5.40 -24.82 -6.86
CA GLU A 553 6.41 -23.89 -6.29
C GLU A 553 6.73 -24.15 -4.83
N TYR A 554 5.86 -24.88 -4.09
CA TYR A 554 6.06 -25.11 -2.64
C TYR A 554 5.72 -26.49 -2.06
N LYS A 555 5.65 -27.54 -2.89
CA LYS A 555 5.53 -28.96 -2.43
C LYS A 555 4.41 -29.26 -1.38
N VAL A 556 3.31 -28.50 -1.44
CA VAL A 556 2.25 -28.52 -0.40
C VAL A 556 0.89 -28.93 -1.03
N HIS A 557 0.14 -29.84 -0.36
CA HIS A 557 -1.05 -30.54 -0.92
C HIS A 557 -2.44 -30.21 -0.30
N ILE A 558 -3.19 -29.28 -0.92
CA ILE A 558 -4.47 -28.79 -0.37
C ILE A 558 -5.72 -29.33 -1.05
N ASN A 559 -6.80 -29.44 -0.29
CA ASN A 559 -8.11 -29.83 -0.79
C ASN A 559 -8.86 -28.61 -1.41
N PRO A 560 -9.02 -28.60 -2.75
CA PRO A 560 -9.67 -27.45 -3.40
C PRO A 560 -11.21 -27.37 -3.17
N ASN A 561 -11.81 -28.39 -2.60
CA ASN A 561 -13.22 -28.35 -2.15
C ASN A 561 -13.46 -27.70 -0.79
N SER A 562 -12.37 -27.40 -0.08
CA SER A 562 -12.46 -26.82 1.25
C SER A 562 -12.72 -25.30 1.15
N LEU A 563 -13.18 -24.71 2.24
CA LEU A 563 -13.40 -23.30 2.29
C LEU A 563 -12.00 -22.66 2.40
N PHE A 564 -11.66 -21.72 1.51
CA PHE A 564 -10.34 -21.07 1.56
C PHE A 564 -10.46 -19.79 2.41
N ASP A 565 -9.90 -19.85 3.60
CA ASP A 565 -10.03 -18.86 4.66
C ASP A 565 -8.69 -18.13 4.70
N VAL A 566 -8.66 -16.85 4.34
CA VAL A 566 -7.39 -16.19 3.99
C VAL A 566 -7.22 -14.92 4.76
N GLN A 567 -6.04 -14.78 5.40
CA GLN A 567 -5.66 -13.54 6.05
C GLN A 567 -4.26 -13.18 5.54
N VAL A 568 -4.19 -12.23 4.63
CA VAL A 568 -2.91 -11.79 4.07
C VAL A 568 -2.76 -10.28 4.21
N LYS A 569 -1.66 -9.87 4.83
CA LYS A 569 -1.40 -8.49 5.20
C LYS A 569 -0.13 -8.56 6.06
N ARG A 570 0.48 -7.40 6.27
CA ARG A 570 1.63 -7.37 7.13
C ARG A 570 1.32 -7.93 8.54
N ILE A 571 2.32 -8.55 9.14
CA ILE A 571 2.18 -9.10 10.49
C ILE A 571 2.28 -7.97 11.50
N HIS A 572 1.24 -7.75 12.30
CA HIS A 572 1.23 -6.69 13.34
C HIS A 572 0.28 -7.10 14.47
N GLU A 573 0.62 -6.76 15.69
CA GLU A 573 -0.31 -7.09 16.75
C GLU A 573 -1.71 -6.49 16.51
N TYR A 574 -1.81 -5.27 15.97
CA TYR A 574 -3.13 -4.67 15.82
C TYR A 574 -4.00 -5.38 14.79
N LYS A 575 -3.38 -6.06 13.82
CA LYS A 575 -4.13 -6.82 12.81
C LYS A 575 -4.67 -8.18 13.33
N ARG A 576 -4.14 -8.65 14.44
CA ARG A 576 -4.71 -9.77 15.19
C ARG A 576 -4.70 -11.08 14.41
N GLN A 577 -3.60 -11.33 13.70
CA GLN A 577 -3.34 -12.69 13.25
C GLN A 577 -3.46 -13.68 14.45
N LEU A 578 -3.11 -13.24 15.66
CA LEU A 578 -3.24 -14.09 16.85
C LEU A 578 -4.69 -14.53 17.14
N LEU A 579 -5.64 -13.67 16.86
CA LEU A 579 -7.03 -14.03 17.06
C LEU A 579 -7.39 -15.15 16.08
N ASN A 580 -6.93 -15.03 14.85
CA ASN A 580 -7.14 -16.12 13.87
C ASN A 580 -6.51 -17.41 14.38
N CYS A 581 -5.29 -17.33 14.89
CA CYS A 581 -4.64 -18.52 15.48
C CYS A 581 -5.46 -19.18 16.56
N LEU A 582 -6.08 -18.37 17.43
CA LEU A 582 -6.89 -18.95 18.49
C LEU A 582 -8.10 -19.69 17.90
N HIS A 583 -8.68 -19.16 16.83
CA HIS A 583 -9.80 -19.86 16.17
C HIS A 583 -9.34 -21.20 15.54
N VAL A 584 -8.17 -21.17 14.86
CA VAL A 584 -7.68 -22.42 14.27
C VAL A 584 -7.47 -23.49 15.32
N ILE A 585 -6.85 -23.13 16.43
CA ILE A 585 -6.67 -24.10 17.51
C ILE A 585 -7.99 -24.64 18.08
N THR A 586 -8.97 -23.76 18.21
CA THR A 586 -10.31 -24.09 18.69
C THR A 586 -10.94 -25.18 17.78
N LEU A 587 -10.90 -24.96 16.48
CA LEU A 587 -11.34 -25.93 15.50
C LEU A 587 -10.62 -27.28 15.63
N TYR A 588 -9.28 -27.24 15.72
CA TYR A 588 -8.48 -28.43 15.95
C TYR A 588 -8.94 -29.18 17.20
N ASN A 589 -9.06 -28.45 18.31
CA ASN A 589 -9.50 -29.08 19.56
C ASN A 589 -10.92 -29.63 19.52
N ARG A 590 -11.80 -28.95 18.83
CA ARG A 590 -13.16 -29.50 18.58
C ARG A 590 -13.15 -30.79 17.77
N ILE A 591 -12.30 -30.86 16.75
CA ILE A 591 -12.16 -32.12 15.99
C ILE A 591 -11.63 -33.26 16.86
N LYS A 592 -10.56 -32.97 17.59
CA LYS A 592 -9.97 -33.98 18.44
C LYS A 592 -10.96 -34.50 19.52
N LYS A 593 -11.90 -33.66 19.92
CA LYS A 593 -12.86 -34.04 20.95
C LYS A 593 -13.97 -34.92 20.35
N GLU A 594 -14.42 -34.62 19.13
CA GLU A 594 -15.50 -35.36 18.42
C GLU A 594 -15.06 -35.64 16.98
N PRO A 595 -14.15 -36.60 16.82
CA PRO A 595 -13.48 -36.77 15.53
C PRO A 595 -14.46 -37.26 14.43
N ASN A 596 -15.56 -37.88 14.82
CA ASN A 596 -16.46 -38.46 13.83
C ASN A 596 -17.63 -37.56 13.46
N LYS A 597 -17.68 -36.36 14.00
CA LYS A 597 -18.68 -35.37 13.62
C LYS A 597 -18.25 -34.64 12.34
N PHE A 598 -19.19 -34.40 11.42
CA PHE A 598 -18.91 -33.58 10.25
C PHE A 598 -18.59 -32.12 10.61
N VAL A 599 -17.57 -31.56 9.98
CA VAL A 599 -17.28 -30.13 10.01
C VAL A 599 -16.95 -29.72 8.57
N VAL A 600 -17.29 -28.49 8.22
CA VAL A 600 -17.01 -27.96 6.93
C VAL A 600 -15.47 -27.87 6.83
N PRO A 601 -14.88 -28.50 5.81
CA PRO A 601 -13.44 -28.48 5.62
C PRO A 601 -12.94 -27.05 5.35
N ARG A 602 -11.79 -26.69 5.94
CA ARG A 602 -11.13 -25.41 5.69
C ARG A 602 -9.69 -25.59 5.35
N THR A 603 -9.19 -24.67 4.51
CA THR A 603 -7.75 -24.43 4.36
C THR A 603 -7.55 -23.02 4.83
N VAL A 604 -6.81 -22.87 5.94
CA VAL A 604 -6.61 -21.59 6.56
C VAL A 604 -5.23 -21.17 6.10
N MET A 605 -5.19 -20.06 5.40
CA MET A 605 -3.96 -19.52 4.84
C MET A 605 -3.67 -18.18 5.45
N ILE A 606 -2.48 -18.02 6.02
CA ILE A 606 -2.08 -16.78 6.64
C ILE A 606 -0.75 -16.42 6.02
N GLY A 607 -0.61 -15.16 5.59
CA GLY A 607 0.70 -14.74 5.09
C GLY A 607 0.95 -13.27 5.33
N GLY A 608 2.22 -12.91 5.33
CA GLY A 608 2.62 -11.56 5.48
C GLY A 608 4.01 -11.48 6.06
N LYS A 609 4.67 -10.34 5.79
CA LYS A 609 6.00 -10.07 6.32
C LYS A 609 5.95 -9.40 7.65
N ALA A 610 6.94 -9.73 8.46
CA ALA A 610 7.16 -9.06 9.73
C ALA A 610 8.34 -8.09 9.54
N ALA A 611 8.24 -6.93 10.11
CA ALA A 611 9.44 -6.05 10.15
C ALA A 611 10.59 -6.74 10.85
N PRO A 612 11.82 -6.63 10.32
CA PRO A 612 12.95 -7.35 10.89
C PRO A 612 13.22 -7.12 12.36
N GLY A 613 12.99 -5.92 12.88
CA GLY A 613 13.24 -5.79 14.32
C GLY A 613 12.06 -6.03 15.25
N TYR A 614 10.93 -6.55 14.75
CA TYR A 614 9.70 -6.56 15.50
C TYR A 614 9.56 -7.97 16.06
N HIS A 615 10.07 -8.16 17.26
CA HIS A 615 10.19 -9.47 17.82
C HIS A 615 8.85 -10.26 17.94
N MET A 616 7.81 -9.62 18.46
CA MET A 616 6.51 -10.28 18.63
C MET A 616 5.93 -10.71 17.28
N ALA A 617 6.10 -9.90 16.25
CA ALA A 617 5.67 -10.28 14.90
C ALA A 617 6.38 -11.49 14.37
N LYS A 618 7.66 -11.59 14.68
CA LYS A 618 8.40 -12.77 14.27
C LYS A 618 7.97 -13.99 15.06
N MET A 619 7.61 -13.78 16.32
CA MET A 619 7.12 -14.91 17.13
C MET A 619 5.74 -15.42 16.60
N ILE A 620 4.90 -14.51 16.17
CA ILE A 620 3.57 -14.88 15.59
C ILE A 620 3.72 -15.76 14.34
N ILE A 621 4.64 -15.40 13.46
CA ILE A 621 4.97 -16.27 12.32
C ILE A 621 5.36 -17.66 12.80
N LYS A 622 6.27 -17.75 13.77
CA LYS A 622 6.67 -19.04 14.24
C LYS A 622 5.48 -19.82 14.82
N LEU A 623 4.59 -19.15 15.56
CA LEU A 623 3.40 -19.84 16.11
C LEU A 623 2.52 -20.39 14.99
N ILE A 624 2.34 -19.62 13.92
CA ILE A 624 1.50 -20.08 12.81
C ILE A 624 2.09 -21.31 12.17
N THR A 625 3.38 -21.30 11.94
CA THR A 625 4.00 -22.49 11.35
C THR A 625 3.96 -23.67 12.31
N ALA A 626 4.09 -23.42 13.61
CA ALA A 626 4.07 -24.52 14.61
C ALA A 626 2.67 -25.19 14.73
N ILE A 627 1.63 -24.38 14.64
CA ILE A 627 0.26 -24.86 14.59
C ILE A 627 0.09 -25.76 13.36
N GLY A 628 0.55 -25.28 12.21
CA GLY A 628 0.60 -26.10 10.99
C GLY A 628 1.32 -27.42 11.12
N ASP A 629 2.48 -27.41 11.79
CA ASP A 629 3.22 -28.65 12.03
C ASP A 629 2.42 -29.69 12.79
N VAL A 630 1.57 -29.26 13.74
CA VAL A 630 0.73 -30.21 14.47
C VAL A 630 -0.53 -30.57 13.65
N VAL A 631 -1.27 -29.57 13.20
CA VAL A 631 -2.56 -29.82 12.58
C VAL A 631 -2.45 -30.61 11.29
N ASN A 632 -1.48 -30.26 10.47
CA ASN A 632 -1.35 -30.82 9.12
C ASN A 632 -0.87 -32.25 9.16
N HIS A 633 -0.36 -32.72 10.29
CA HIS A 633 0.18 -34.08 10.38
C HIS A 633 -0.60 -35.03 11.29
N ASP A 634 -1.73 -34.57 11.81
CA ASP A 634 -2.58 -35.35 12.69
C ASP A 634 -3.54 -36.18 11.79
N PRO A 635 -3.39 -37.51 11.81
CA PRO A 635 -4.25 -38.32 10.90
C PRO A 635 -5.76 -38.25 11.24
N VAL A 636 -6.14 -37.93 12.46
CA VAL A 636 -7.55 -37.83 12.79
C VAL A 636 -8.22 -36.64 12.08
N VAL A 637 -7.47 -35.58 11.86
CA VAL A 637 -7.97 -34.39 11.18
C VAL A 637 -8.21 -34.62 9.74
N GLY A 638 -7.29 -35.33 9.12
CA GLY A 638 -7.42 -35.71 7.71
C GLY A 638 -7.31 -34.49 6.83
N ASP A 639 -8.17 -34.40 5.84
CA ASP A 639 -8.21 -33.24 4.93
C ASP A 639 -9.21 -32.22 5.44
N ARG A 640 -9.70 -32.32 6.68
CA ARG A 640 -10.72 -31.38 7.17
C ARG A 640 -10.18 -30.02 7.61
N LEU A 641 -8.90 -29.94 7.94
CA LEU A 641 -8.31 -28.68 8.41
C LEU A 641 -6.83 -28.70 8.00
N ARG A 642 -6.41 -27.66 7.31
CA ARG A 642 -5.02 -27.46 6.87
C ARG A 642 -4.69 -25.99 7.18
N VAL A 643 -3.49 -25.76 7.71
CA VAL A 643 -3.02 -24.39 8.07
C VAL A 643 -1.71 -24.18 7.32
N ILE A 644 -1.69 -23.19 6.41
CA ILE A 644 -0.57 -22.94 5.52
C ILE A 644 -0.10 -21.50 5.75
N PHE A 645 1.20 -21.32 5.93
CA PHE A 645 1.76 -20.00 5.97
C PHE A 645 2.24 -19.68 4.55
N LEU A 646 1.67 -18.64 3.95
CA LEU A 646 2.03 -18.25 2.57
C LEU A 646 3.29 -17.38 2.60
N GLU A 647 4.38 -17.91 2.10
CA GLU A 647 5.67 -17.27 2.16
C GLU A 647 5.79 -16.13 1.15
N ASN A 648 6.53 -15.10 1.55
CA ASN A 648 6.85 -13.98 0.69
C ASN A 648 5.62 -13.27 0.07
N TYR A 649 4.65 -12.95 0.93
CA TYR A 649 3.49 -12.19 0.45
C TYR A 649 3.88 -10.84 -0.08
N ARG A 650 3.42 -10.55 -1.29
CA ARG A 650 3.81 -9.40 -2.07
C ARG A 650 2.75 -9.19 -3.12
N VAL A 651 2.86 -8.14 -3.91
CA VAL A 651 1.76 -7.80 -4.86
C VAL A 651 1.50 -8.97 -5.81
N SER A 652 2.53 -9.58 -6.41
CA SER A 652 2.26 -10.64 -7.38
C SER A 652 1.59 -11.89 -6.72
N LEU A 653 1.92 -12.20 -5.46
CA LEU A 653 1.20 -13.24 -4.69
C LEU A 653 -0.26 -12.85 -4.38
N ALA A 654 -0.51 -11.58 -4.06
CA ALA A 654 -1.87 -11.14 -3.84
C ALA A 654 -2.75 -11.36 -5.11
N GLU A 655 -2.17 -11.14 -6.28
CA GLU A 655 -2.90 -11.31 -7.52
C GLU A 655 -3.30 -12.73 -7.72
N LYS A 656 -2.57 -13.66 -7.14
CA LYS A 656 -2.90 -15.10 -7.22
C LYS A 656 -3.88 -15.57 -6.13
N VAL A 657 -3.64 -15.20 -4.90
CA VAL A 657 -4.45 -15.74 -3.80
C VAL A 657 -5.80 -15.06 -3.62
N ILE A 658 -5.88 -13.77 -3.89
CA ILE A 658 -7.14 -13.06 -3.68
C ILE A 658 -8.30 -13.59 -4.56
N PRO A 659 -8.07 -13.86 -5.85
CA PRO A 659 -9.14 -14.47 -6.63
C PRO A 659 -9.56 -15.84 -6.18
N ALA A 660 -8.71 -16.55 -5.43
CA ALA A 660 -9.01 -17.89 -5.02
C ALA A 660 -9.66 -17.96 -3.61
N ALA A 661 -9.82 -16.85 -2.98
CA ALA A 661 -10.32 -16.83 -1.56
C ALA A 661 -11.85 -16.95 -1.47
N ASP A 662 -12.30 -17.65 -0.45
CA ASP A 662 -13.71 -17.66 -0.10
C ASP A 662 -14.02 -16.71 1.04
N LEU A 663 -13.15 -16.65 2.05
CA LEU A 663 -13.38 -15.89 3.24
C LEU A 663 -12.18 -14.97 3.48
N SER A 664 -12.49 -13.68 3.57
CA SER A 664 -11.52 -12.61 3.81
C SER A 664 -11.50 -12.21 5.28
N GLU A 665 -10.35 -12.29 5.94
CA GLU A 665 -10.27 -12.04 7.39
C GLU A 665 -9.77 -10.63 7.57
N GLN A 666 -10.65 -9.79 8.16
CA GLN A 666 -10.37 -8.35 8.34
C GLN A 666 -10.72 -7.98 9.77
N ILE A 667 -9.82 -8.36 10.69
CA ILE A 667 -10.18 -8.57 12.09
C ILE A 667 -9.36 -7.75 13.10
N SER A 668 -8.91 -6.59 12.64
CA SER A 668 -8.25 -5.63 13.50
C SER A 668 -9.16 -5.15 14.65
N THR A 669 -8.58 -4.80 15.76
CA THR A 669 -9.33 -4.21 16.83
C THR A 669 -9.96 -2.91 16.37
N ALA A 670 -11.23 -2.72 16.70
CA ALA A 670 -11.93 -1.51 16.26
C ALA A 670 -11.13 -0.26 16.65
N GLY A 671 -10.95 0.58 15.67
CA GLY A 671 -10.22 1.85 15.86
C GLY A 671 -8.75 1.85 15.47
N THR A 672 -8.23 0.74 14.93
CA THR A 672 -6.79 0.63 14.65
C THR A 672 -6.44 0.62 13.20
N GLU A 673 -7.26 -0.01 12.34
CA GLU A 673 -6.97 -0.06 10.94
C GLU A 673 -7.54 1.13 10.27
N ALA A 674 -6.70 2.09 9.82
CA ALA A 674 -7.28 3.37 9.39
C ALA A 674 -8.30 3.16 8.26
N SER A 675 -7.99 2.30 7.30
CA SER A 675 -8.95 1.95 6.25
C SER A 675 -8.85 0.46 5.98
N GLY A 676 -7.66 0.00 5.61
CA GLY A 676 -7.57 -1.24 4.89
C GLY A 676 -7.82 -1.05 3.42
N THR A 677 -7.10 -1.83 2.61
CA THR A 677 -7.39 -1.95 1.18
C THR A 677 -7.42 -3.39 0.68
N GLY A 678 -6.73 -4.31 1.35
CA GLY A 678 -6.94 -5.73 1.09
C GLY A 678 -8.40 -6.13 1.14
N ASN A 679 -9.08 -5.59 2.15
CA ASN A 679 -10.49 -5.82 2.30
C ASN A 679 -11.26 -5.63 0.99
N MET A 680 -11.01 -4.50 0.35
CA MET A 680 -11.69 -4.16 -0.90
C MET A 680 -11.32 -5.07 -2.05
N LYS A 681 -10.07 -5.50 -2.14
CA LYS A 681 -9.67 -6.44 -3.18
C LYS A 681 -10.42 -7.74 -3.06
N PHE A 682 -10.57 -8.25 -1.84
CA PHE A 682 -11.33 -9.51 -1.65
C PHE A 682 -12.80 -9.35 -2.00
N MET A 683 -13.39 -8.23 -1.66
CA MET A 683 -14.77 -8.00 -1.98
C MET A 683 -15.04 -8.03 -3.49
N LEU A 684 -14.19 -7.37 -4.23
CA LEU A 684 -14.31 -7.32 -5.69
C LEU A 684 -14.16 -8.68 -6.38
N ASN A 685 -13.45 -9.61 -5.71
CA ASN A 685 -13.09 -10.87 -6.26
C ASN A 685 -13.88 -12.05 -5.76
N GLY A 686 -14.96 -11.79 -5.04
CA GLY A 686 -15.94 -12.86 -4.77
C GLY A 686 -15.68 -13.65 -3.50
N ALA A 687 -14.99 -13.02 -2.54
CA ALA A 687 -14.92 -13.55 -1.19
C ALA A 687 -15.93 -12.81 -0.29
N LEU A 688 -16.43 -13.51 0.73
CA LEU A 688 -17.23 -12.90 1.81
C LEU A 688 -16.25 -12.47 2.88
N THR A 689 -16.65 -11.49 3.72
CA THR A 689 -15.76 -10.91 4.71
C THR A 689 -16.24 -11.22 6.10
N ILE A 690 -15.30 -11.64 6.97
CA ILE A 690 -15.51 -11.72 8.37
C ILE A 690 -14.67 -10.60 8.95
N GLY A 691 -15.31 -9.69 9.65
CA GLY A 691 -14.58 -8.52 10.09
C GLY A 691 -15.23 -7.75 11.24
N THR A 692 -14.39 -6.97 11.89
CA THR A 692 -14.84 -5.97 12.83
C THR A 692 -15.30 -4.70 12.11
N MET A 693 -15.98 -3.87 12.84
CA MET A 693 -16.44 -2.55 12.36
C MET A 693 -15.27 -1.54 12.52
N ASP A 694 -14.30 -1.72 11.63
CA ASP A 694 -13.07 -0.95 11.67
C ASP A 694 -12.74 -0.48 10.27
N GLY A 695 -12.14 0.71 10.17
CA GLY A 695 -11.74 1.24 8.89
C GLY A 695 -12.81 1.23 7.83
N ALA A 696 -12.44 0.84 6.63
CA ALA A 696 -13.40 0.81 5.56
C ALA A 696 -14.37 -0.36 5.62
N ASN A 697 -14.11 -1.35 6.49
CA ASN A 697 -15.08 -2.43 6.67
C ASN A 697 -16.48 -1.87 6.95
N VAL A 698 -16.54 -0.80 7.74
CA VAL A 698 -17.82 -0.13 8.03
C VAL A 698 -18.63 0.27 6.78
N GLU A 699 -17.95 0.93 5.87
CA GLU A 699 -18.52 1.37 4.58
C GLU A 699 -18.79 0.24 3.66
N MET A 700 -17.95 -0.78 3.69
CA MET A 700 -18.24 -1.99 2.89
C MET A 700 -19.57 -2.67 3.32
N ALA A 701 -19.73 -2.83 4.63
CA ALA A 701 -20.97 -3.41 5.14
C ALA A 701 -22.19 -2.52 4.85
N GLU A 702 -22.03 -1.20 4.94
CA GLU A 702 -23.09 -0.28 4.60
C GLU A 702 -23.49 -0.40 3.13
N GLU A 703 -22.54 -0.55 2.23
CA GLU A 703 -22.85 -0.65 0.83
C GLU A 703 -23.49 -1.99 0.50
N ALA A 704 -22.97 -3.08 1.06
CA ALA A 704 -23.54 -4.42 0.75
C ALA A 704 -24.81 -4.75 1.50
N GLY A 705 -24.99 -4.13 2.66
CA GLY A 705 -25.98 -4.54 3.62
C GLY A 705 -25.31 -5.39 4.69
N GLU A 706 -25.62 -5.11 5.95
CA GLU A 706 -25.03 -5.83 7.09
C GLU A 706 -25.36 -7.32 7.11
N GLU A 707 -26.52 -7.67 6.57
CA GLU A 707 -26.91 -9.04 6.37
C GLU A 707 -26.01 -9.85 5.40
N ASN A 708 -25.21 -9.17 4.57
CA ASN A 708 -24.35 -9.80 3.59
C ASN A 708 -22.89 -9.74 3.97
N PHE A 709 -22.64 -9.52 5.27
CA PHE A 709 -21.31 -9.35 5.83
C PHE A 709 -21.30 -10.05 7.18
N PHE A 710 -20.18 -10.63 7.55
CA PHE A 710 -20.06 -11.34 8.81
C PHE A 710 -19.38 -10.42 9.79
N ILE A 711 -20.16 -9.61 10.46
CA ILE A 711 -19.65 -8.63 11.40
C ILE A 711 -19.65 -9.21 12.79
N PHE A 712 -18.57 -8.97 13.52
CA PHE A 712 -18.53 -9.35 14.91
C PHE A 712 -17.67 -8.37 15.72
N GLY A 713 -17.81 -8.52 17.03
CA GLY A 713 -16.85 -7.96 17.97
C GLY A 713 -17.15 -6.56 18.44
N MET A 714 -16.28 -6.06 19.32
CA MET A 714 -16.41 -4.71 19.86
C MET A 714 -16.39 -3.67 18.76
N ARG A 715 -17.28 -2.70 18.88
CA ARG A 715 -17.21 -1.45 18.16
C ARG A 715 -16.20 -0.51 18.86
N VAL A 716 -15.84 0.58 18.20
CA VAL A 716 -14.94 1.58 18.82
C VAL A 716 -15.36 2.02 20.21
N GLU A 717 -16.66 2.29 20.36
CA GLU A 717 -17.28 2.72 21.65
C GLU A 717 -17.11 1.66 22.74
N ASP A 718 -17.18 0.39 22.36
CA ASP A 718 -16.98 -0.71 23.32
C ASP A 718 -15.52 -0.81 23.76
N VAL A 719 -14.59 -0.59 22.85
CA VAL A 719 -13.18 -0.56 23.19
C VAL A 719 -12.90 0.54 24.20
N ASP A 720 -13.42 1.73 23.94
CA ASP A 720 -13.32 2.87 24.89
C ASP A 720 -13.90 2.53 26.25
N ARG A 721 -15.07 1.92 26.30
CA ARG A 721 -15.69 1.49 27.58
C ARG A 721 -14.81 0.53 28.31
N LEU A 722 -14.19 -0.44 27.63
CA LEU A 722 -13.26 -1.39 28.30
C LEU A 722 -12.00 -0.71 28.82
N ASP A 723 -11.49 0.25 28.06
CA ASP A 723 -10.24 0.98 28.47
C ASP A 723 -10.51 1.78 29.73
N GLN A 724 -11.72 2.31 29.85
CA GLN A 724 -12.08 3.07 31.05
C GLN A 724 -12.17 2.21 32.29
N ARG A 725 -12.83 1.07 32.21
CA ARG A 725 -12.85 0.09 33.30
C ARG A 725 -11.49 -0.55 33.61
N GLY A 726 -10.70 -0.77 32.55
CA GLY A 726 -9.44 -1.52 32.60
C GLY A 726 -9.62 -2.94 32.02
N TYR A 727 -8.82 -3.27 31.04
CA TYR A 727 -8.88 -4.56 30.41
C TYR A 727 -8.18 -5.57 31.27
N ASN A 728 -8.91 -6.59 31.68
CA ASN A 728 -8.37 -7.66 32.42
C ASN A 728 -8.59 -8.97 31.63
N ALA A 729 -7.51 -9.40 30.99
CA ALA A 729 -7.54 -10.64 30.21
C ALA A 729 -7.84 -11.86 31.02
N GLN A 730 -7.43 -11.86 32.29
CA GLN A 730 -7.66 -13.01 33.14
C GLN A 730 -9.15 -13.35 33.27
N GLU A 731 -10.00 -12.34 33.22
CA GLU A 731 -11.44 -12.60 33.35
C GLU A 731 -11.98 -13.52 32.21
N TYR A 732 -11.50 -13.31 30.98
CA TYR A 732 -11.89 -14.11 29.83
C TYR A 732 -11.34 -15.53 29.96
N TYR A 733 -10.10 -15.66 30.38
CA TYR A 733 -9.49 -16.96 30.66
C TYR A 733 -10.27 -17.77 31.71
N ASP A 734 -10.71 -17.07 32.76
CA ASP A 734 -11.43 -17.73 33.82
C ASP A 734 -12.82 -18.16 33.39
N ARG A 735 -13.43 -17.46 32.43
CA ARG A 735 -14.86 -17.73 32.07
C ARG A 735 -15.06 -18.59 30.87
N ILE A 736 -14.02 -18.75 30.05
CA ILE A 736 -14.22 -19.44 28.75
C ILE A 736 -13.31 -20.68 28.73
N PRO A 737 -13.87 -21.86 28.99
CA PRO A 737 -13.02 -23.05 29.12
C PRO A 737 -12.22 -23.37 27.85
N GLU A 738 -12.82 -23.19 26.68
CA GLU A 738 -12.10 -23.41 25.40
C GLU A 738 -10.90 -22.53 25.23
N LEU A 739 -11.01 -21.29 25.74
CA LEU A 739 -9.91 -20.40 25.69
C LEU A 739 -8.80 -20.78 26.67
N ARG A 740 -9.18 -21.16 27.87
CA ARG A 740 -8.24 -21.61 28.86
C ARG A 740 -7.44 -22.84 28.38
N GLN A 741 -8.12 -23.77 27.69
CA GLN A 741 -7.41 -24.93 27.13
C GLN A 741 -6.33 -24.53 26.14
N ILE A 742 -6.60 -23.55 25.32
CA ILE A 742 -5.61 -23.13 24.29
C ILE A 742 -4.36 -22.54 24.97
N ILE A 743 -4.58 -21.71 25.98
CA ILE A 743 -3.50 -21.06 26.70
C ILE A 743 -2.66 -22.11 27.40
N GLU A 744 -3.30 -23.10 28.01
CA GLU A 744 -2.58 -24.16 28.65
C GLU A 744 -1.75 -24.99 27.66
N GLN A 745 -2.28 -25.25 26.47
CA GLN A 745 -1.52 -25.91 25.41
C GLN A 745 -0.31 -25.09 24.97
N LEU A 746 -0.46 -23.77 24.77
CA LEU A 746 0.65 -22.88 24.38
C LEU A 746 1.76 -22.87 25.46
N SER A 747 1.37 -22.70 26.72
CA SER A 747 2.32 -22.65 27.86
C SER A 747 3.05 -23.93 28.10
N SER A 748 2.37 -25.05 27.92
CA SER A 748 2.89 -26.33 28.31
C SER A 748 3.75 -26.98 27.26
N GLY A 749 3.86 -26.42 26.06
CA GLY A 749 4.74 -27.01 25.05
C GLY A 749 4.09 -27.91 24.01
N PHE A 750 2.75 -27.91 23.94
CA PHE A 750 1.99 -28.76 23.05
C PHE A 750 2.35 -28.46 21.59
N PHE A 751 2.54 -27.19 21.24
CA PHE A 751 2.93 -26.78 19.90
C PHE A 751 4.45 -26.60 19.71
N SER A 752 5.25 -26.92 20.72
CA SER A 752 6.73 -26.80 20.65
C SER A 752 7.40 -27.85 21.55
N PRO A 753 7.19 -29.16 21.27
CA PRO A 753 7.58 -30.16 22.27
C PRO A 753 9.09 -30.18 22.62
N LYS A 754 9.97 -29.79 21.69
CA LYS A 754 11.42 -29.73 21.98
C LYS A 754 11.79 -28.48 22.81
N GLN A 755 11.05 -27.38 22.66
CA GLN A 755 11.32 -26.14 23.38
C GLN A 755 10.02 -25.72 24.08
N PRO A 756 9.68 -26.38 25.19
CA PRO A 756 8.33 -26.16 25.77
C PRO A 756 7.98 -24.72 26.16
N ASP A 757 8.97 -23.89 26.41
CA ASP A 757 8.72 -22.51 26.79
C ASP A 757 8.83 -21.51 25.61
N LEU A 758 8.81 -22.01 24.39
CA LEU A 758 9.08 -21.19 23.23
C LEU A 758 8.07 -20.01 23.10
N PHE A 759 6.80 -20.28 23.43
CA PHE A 759 5.72 -19.29 23.27
C PHE A 759 5.40 -18.48 24.50
N LYS A 760 6.27 -18.49 25.51
CA LYS A 760 5.86 -17.85 26.80
C LYS A 760 5.75 -16.33 26.64
N ASP A 761 6.46 -15.72 25.71
CA ASP A 761 6.32 -14.28 25.54
C ASP A 761 4.94 -13.95 24.97
N ILE A 762 4.46 -14.80 24.08
CA ILE A 762 3.08 -14.63 23.50
C ILE A 762 2.02 -14.78 24.59
N VAL A 763 2.13 -15.84 25.37
CA VAL A 763 1.22 -16.07 26.50
C VAL A 763 1.22 -14.89 27.46
N ASN A 764 2.43 -14.45 27.82
CA ASN A 764 2.56 -13.37 28.76
C ASN A 764 1.94 -12.07 28.23
N MET A 765 2.13 -11.79 26.95
CA MET A 765 1.56 -10.64 26.34
C MET A 765 0.04 -10.74 26.37
N LEU A 766 -0.50 -11.90 25.93
CA LEU A 766 -1.98 -12.04 25.87
C LEU A 766 -2.65 -11.87 27.25
N MET A 767 -2.02 -12.44 28.28
CA MET A 767 -2.56 -12.41 29.63
C MET A 767 -2.36 -11.08 30.35
N HIS A 768 -1.30 -10.35 30.08
CA HIS A 768 -0.97 -9.16 30.92
C HIS A 768 -0.74 -7.85 30.23
N HIS A 769 -0.41 -7.84 28.93
CA HIS A 769 -0.04 -6.56 28.28
CA HIS A 769 0.01 -6.61 28.29
C HIS A 769 -0.55 -6.49 26.85
N ASP A 770 -1.79 -6.93 26.64
CA ASP A 770 -2.33 -6.92 25.28
C ASP A 770 -3.07 -5.60 25.03
N ARG A 771 -2.48 -4.72 24.23
CA ARG A 771 -3.10 -3.47 23.88
C ARG A 771 -4.25 -3.66 22.91
N PHE A 772 -4.34 -4.84 22.27
CA PHE A 772 -5.32 -5.03 21.22
C PHE A 772 -6.48 -6.00 21.56
N LYS A 773 -6.56 -6.39 22.82
CA LYS A 773 -7.78 -7.01 23.38
C LYS A 773 -8.26 -8.27 22.62
N VAL A 774 -7.30 -9.14 22.27
CA VAL A 774 -7.58 -10.37 21.56
C VAL A 774 -8.65 -11.22 22.25
N PHE A 775 -8.55 -11.40 23.55
CA PHE A 775 -9.47 -12.27 24.25
C PHE A 775 -10.89 -11.68 24.28
N ALA A 776 -10.99 -10.35 24.26
CA ALA A 776 -12.29 -9.72 24.36
C ALA A 776 -13.19 -9.95 23.13
N ASP A 777 -12.58 -10.24 21.97
CA ASP A 777 -13.38 -10.55 20.77
C ASP A 777 -13.45 -12.06 20.45
N TYR A 778 -12.84 -12.90 21.26
CA TYR A 778 -12.74 -14.34 20.98
C TYR A 778 -14.08 -15.01 20.85
N GLU A 779 -14.92 -14.89 21.86
CA GLU A 779 -16.21 -15.59 21.83
C GLU A 779 -17.08 -15.20 20.62
N GLU A 780 -17.24 -13.91 20.37
CA GLU A 780 -18.03 -13.45 19.24
C GLU A 780 -17.43 -13.90 17.91
N TYR A 781 -16.09 -13.94 17.84
CA TYR A 781 -15.41 -14.35 16.62
C TYR A 781 -15.66 -15.81 16.29
N VAL A 782 -15.50 -16.68 17.27
CA VAL A 782 -15.79 -18.11 17.07
C VAL A 782 -17.24 -18.34 16.68
N LYS A 783 -18.17 -17.68 17.33
CA LYS A 783 -19.59 -17.81 16.97
C LYS A 783 -19.90 -17.34 15.58
N CYS A 784 -19.34 -16.21 15.19
CA CYS A 784 -19.49 -15.71 13.84
C CYS A 784 -18.85 -16.67 12.78
N GLN A 785 -17.71 -17.25 13.08
CA GLN A 785 -17.10 -18.26 12.22
C GLN A 785 -18.01 -19.52 12.02
N GLU A 786 -18.77 -19.90 13.05
CA GLU A 786 -19.74 -21.00 12.89
C GLU A 786 -20.84 -20.60 11.90
N ARG A 787 -21.27 -19.34 11.91
CA ARG A 787 -22.25 -18.86 10.93
C ARG A 787 -21.67 -18.93 9.48
N VAL A 788 -20.39 -18.63 9.34
CA VAL A 788 -19.72 -18.74 8.04
C VAL A 788 -19.81 -20.15 7.53
N SER A 789 -19.40 -21.07 8.37
CA SER A 789 -19.43 -22.51 8.03
C SER A 789 -20.83 -22.97 7.65
N ALA A 790 -21.84 -22.48 8.35
CA ALA A 790 -23.19 -22.88 8.05
C ALA A 790 -23.63 -22.43 6.67
N LEU A 791 -23.28 -21.21 6.32
CA LEU A 791 -23.63 -20.69 4.98
C LEU A 791 -22.87 -21.41 3.86
N TYR A 792 -21.64 -21.80 4.15
CA TYR A 792 -20.83 -22.45 3.12
C TYR A 792 -21.40 -23.81 2.71
N LYS A 793 -22.03 -24.47 3.64
CA LYS A 793 -22.79 -25.71 3.35
C LYS A 793 -23.92 -25.59 2.33
N ASN A 794 -24.38 -24.37 2.09
CA ASN A 794 -25.45 -24.10 1.11
C ASN A 794 -24.84 -23.27 -0.06
N PRO A 795 -24.22 -23.94 -1.06
CA PRO A 795 -23.43 -23.19 -2.06
C PRO A 795 -24.25 -22.17 -2.84
N ARG A 796 -25.55 -22.42 -3.05
CA ARG A 796 -26.35 -21.48 -3.85
C ARG A 796 -26.53 -20.17 -3.07
N GLU A 797 -26.84 -20.30 -1.77
CA GLU A 797 -26.97 -19.11 -0.92
C GLU A 797 -25.64 -18.42 -0.64
N TRP A 798 -24.58 -19.19 -0.45
CA TRP A 798 -23.28 -18.57 -0.39
C TRP A 798 -23.02 -17.69 -1.65
N THR A 799 -23.21 -18.27 -2.83
CA THR A 799 -22.94 -17.57 -4.07
C THR A 799 -23.87 -16.35 -4.27
N ARG A 800 -25.12 -16.47 -3.84
CA ARG A 800 -26.00 -15.31 -3.87
C ARG A 800 -25.46 -14.17 -3.02
N MET A 801 -24.97 -14.48 -1.83
CA MET A 801 -24.40 -13.46 -1.01
C MET A 801 -23.14 -12.83 -1.65
N VAL A 802 -22.32 -13.67 -2.28
CA VAL A 802 -21.17 -13.19 -3.05
C VAL A 802 -21.60 -12.19 -4.12
N ILE A 803 -22.67 -12.50 -4.87
CA ILE A 803 -23.11 -11.59 -5.94
C ILE A 803 -23.49 -10.24 -5.37
N ARG A 804 -24.16 -10.26 -4.23
CA ARG A 804 -24.54 -9.00 -3.51
C ARG A 804 -23.33 -8.16 -3.05
N ASN A 805 -22.22 -8.83 -2.75
CA ASN A 805 -20.96 -8.11 -2.39
C ASN A 805 -20.26 -7.53 -3.66
N ILE A 806 -20.08 -8.36 -4.68
CA ILE A 806 -19.43 -7.89 -5.90
C ILE A 806 -20.21 -6.71 -6.44
N ALA A 807 -21.53 -6.87 -6.48
CA ALA A 807 -22.40 -5.86 -7.06
C ALA A 807 -22.34 -4.48 -6.40
N THR A 808 -21.99 -4.43 -5.12
CA THR A 808 -21.98 -3.19 -4.33
C THR A 808 -20.53 -2.73 -4.02
N SER A 809 -19.57 -3.26 -4.75
CA SER A 809 -18.16 -2.95 -4.44
C SER A 809 -17.70 -1.68 -5.19
N GLY A 810 -18.59 -1.12 -6.03
CA GLY A 810 -18.24 0.02 -6.91
C GLY A 810 -17.67 1.25 -6.23
N LYS A 811 -18.19 1.54 -5.03
CA LYS A 811 -17.70 2.68 -4.26
C LYS A 811 -16.17 2.58 -4.00
N PHE A 812 -15.65 1.38 -4.01
CA PHE A 812 -14.26 1.16 -3.58
C PHE A 812 -13.25 1.23 -4.71
N SER A 813 -13.68 1.65 -5.88
CA SER A 813 -12.77 2.02 -6.95
C SER A 813 -11.92 3.25 -6.59
N SER A 814 -10.62 3.16 -6.82
CA SER A 814 -9.76 4.32 -6.63
C SER A 814 -10.07 5.43 -7.62
N ASP A 815 -10.78 5.14 -8.71
CA ASP A 815 -11.27 6.20 -9.59
C ASP A 815 -12.24 7.12 -8.85
N ARG A 816 -13.07 6.54 -7.99
CA ARG A 816 -13.99 7.34 -7.16
C ARG A 816 -13.14 8.21 -6.18
N THR A 817 -12.22 7.60 -5.47
CA THR A 817 -11.38 8.26 -4.50
C THR A 817 -10.70 9.49 -5.18
N ILE A 818 -10.03 9.24 -6.28
CA ILE A 818 -9.29 10.29 -7.00
C ILE A 818 -10.14 11.40 -7.53
N ALA A 819 -11.33 11.09 -8.04
CA ALA A 819 -12.24 12.15 -8.41
C ALA A 819 -12.59 13.05 -7.24
N GLN A 820 -12.71 12.48 -6.02
CA GLN A 820 -12.99 13.30 -4.85
C GLN A 820 -11.80 14.16 -4.45
N TYR A 821 -10.59 13.60 -4.43
CA TYR A 821 -9.42 14.46 -4.22
C TYR A 821 -9.35 15.62 -5.22
N ALA A 822 -9.55 15.30 -6.51
CA ALA A 822 -9.46 16.26 -7.60
C ALA A 822 -10.45 17.42 -7.37
N ARG A 823 -11.70 17.08 -7.13
CA ARG A 823 -12.72 18.10 -6.96
C ARG A 823 -12.64 18.85 -5.64
N GLU A 824 -12.37 18.14 -4.55
CA GLU A 824 -12.54 18.73 -3.18
C GLU A 824 -11.25 19.24 -2.59
N ILE A 825 -10.12 18.81 -3.14
CA ILE A 825 -8.83 19.20 -2.62
C ILE A 825 -7.98 19.95 -3.65
N TRP A 826 -7.80 19.35 -4.80
CA TRP A 826 -6.87 19.90 -5.82
C TRP A 826 -7.45 20.95 -6.71
N GLY A 827 -8.78 21.02 -6.81
CA GLY A 827 -9.46 21.99 -7.67
C GLY A 827 -9.29 21.78 -9.15
N VAL A 828 -9.32 20.52 -9.57
CA VAL A 828 -9.24 20.17 -11.00
C VAL A 828 -10.38 19.19 -11.32
N GLU A 829 -10.78 19.18 -12.60
CA GLU A 829 -11.87 18.30 -13.09
C GLU A 829 -11.30 17.06 -13.77
N PRO A 830 -11.70 15.85 -13.34
CA PRO A 830 -11.28 14.67 -14.08
C PRO A 830 -11.91 14.65 -15.49
N SER A 831 -11.32 13.89 -16.40
CA SER A 831 -11.85 13.71 -17.76
C SER A 831 -11.73 12.21 -18.13
N ARG A 832 -12.77 11.65 -18.75
CA ARG A 832 -12.69 10.31 -19.35
C ARG A 832 -12.38 10.36 -20.87
N GLN A 833 -12.19 11.57 -21.40
CA GLN A 833 -11.80 11.75 -22.82
C GLN A 833 -10.37 11.27 -23.23
N ARG A 834 -10.32 10.61 -24.40
CA ARG A 834 -9.12 10.06 -25.02
C ARG A 834 -8.29 11.18 -25.63
N LEU A 835 -6.97 11.09 -25.45
CA LEU A 835 -6.06 11.79 -26.34
C LEU A 835 -5.99 11.00 -27.65
N PRO A 836 -5.63 11.67 -28.76
CA PRO A 836 -5.56 10.93 -30.03
C PRO A 836 -4.37 9.94 -30.02
N ALA A 837 -4.59 8.77 -30.62
CA ALA A 837 -3.63 7.65 -30.60
C ALA A 837 -2.48 7.81 -31.59
P IMP B . 9.37 18.13 -18.23
O1P IMP B . 7.94 18.02 -17.74
O2P IMP B . 9.76 19.59 -18.35
O3P IMP B . 10.36 17.20 -17.51
O5' IMP B . 9.40 17.46 -19.70
C5' IMP B . 8.30 17.36 -20.61
C4' IMP B . 8.66 18.32 -21.74
O4' IMP B . 7.53 19.10 -22.16
C3' IMP B . 9.33 17.76 -23.01
O3' IMP B . 9.34 16.33 -23.13
C2' IMP B . 8.62 18.52 -24.14
O2' IMP B . 7.71 17.72 -24.91
C1' IMP B . 7.87 19.65 -23.43
N9 IMP B . 8.78 20.84 -23.30
C8 IMP B . 9.46 21.32 -22.21
N7 IMP B . 10.20 22.41 -22.53
C5 IMP B . 10.02 22.64 -23.84
C6 IMP B . 10.49 23.64 -24.85
O6 IMP B . 11.28 24.55 -24.50
N1 IMP B . 10.05 23.54 -26.12
C2 IMP B . 9.19 22.56 -26.52
N3 IMP B . 8.71 21.62 -25.67
C4 IMP B . 9.08 21.62 -24.36
N1 PLP C . 0.34 -5.79 0.92
C2 PLP C . 0.11 -6.12 -0.32
C2A PLP C . 1.11 -6.89 -1.12
C3 PLP C . -1.12 -5.71 -0.95
O3 PLP C . -1.42 -5.99 -2.22
C4 PLP C . -2.08 -5.02 -0.11
C4A PLP C . -3.38 -4.55 -0.66
C5 PLP C . -1.72 -4.70 1.24
C6 PLP C . -0.53 -5.14 1.73
C5A PLP C . -2.72 -3.98 2.18
O4P PLP C . -3.50 -5.05 2.75
P PLP C . -4.29 -4.66 4.17
O1P PLP C . -5.07 -5.92 4.43
O2P PLP C . -3.30 -4.30 5.19
O3P PLP C . -5.23 -3.50 3.85
C1 B0Z D . -0.55 2.68 6.84
C4 B0Z D . 1.40 3.33 7.45
C6 B0Z D . 2.86 3.43 7.53
C11 B0Z D . 3.67 2.79 6.61
F13 B0Z D . 7.52 4.94 7.89
C12 B0Z D . 7.11 3.76 7.79
F14 B0Z D . 7.49 3.19 8.87
F15 B0Z D . 7.73 3.23 6.78
C9 B0Z D . 5.62 3.66 7.67
C8 B0Z D . 4.82 4.28 8.62
C7 B0Z D . 3.45 4.20 8.54
C10 B0Z D . 5.05 2.89 6.68
N5 B0Z D . 0.76 2.47 6.60
N3 B0Z D . 0.58 4.04 8.18
N2 B0Z D . -0.65 3.64 7.77
C1' B0Z D . -1.71 2.03 6.16
C2' B0Z D . -2.87 1.78 7.14
O2' B0Z D . -2.44 0.92 8.20
O5' B0Z D . -2.14 2.91 5.12
C5' B0Z D . -3.16 2.29 4.31
C6' B0Z D . -3.43 3.23 3.18
O6' B0Z D . -4.20 4.34 3.62
C4' B0Z D . -4.43 1.99 5.17
O4' B0Z D . -5.41 1.33 4.34
C3' B0Z D . -4.07 1.16 6.39
O3' B0Z D . -5.21 1.04 7.26
#